data_5FUH
#
_entry.id   5FUH
#
_cell.length_a   64.460
_cell.length_b   155.260
_cell.length_c   134.830
_cell.angle_alpha   90.00
_cell.angle_beta   92.53
_cell.angle_gamma   90.00
#
_symmetry.space_group_name_H-M   'C 1 2 1'
#
loop_
_entity.id
_entity.type
_entity.pdbx_description
1 polymer 'GLUCOSE-1-PHOSPHATE THYMIDYLYLTRANSFERASE'
2 non-polymer N-[6-amino-1-(3-bromobenzyl)-2,4-dioxo-1,2,3,4-tetrahydropyrimidin-5-yl]-N-methylbenzenesulfonamide
3 non-polymer '2-(N-MORPHOLINO)-ETHANESULFONIC ACID'
4 non-polymer 'CHLORIDE ION'
5 non-polymer GLYCEROL
6 water water
#
_entity_poly.entity_id   1
_entity_poly.type   'polypeptide(L)'
_entity_poly.pdbx_seq_one_letter_code
;HHHHHHGSMAMKRKGIILAGGSGTRLHPATLAISKQLLPVYDKPMIYYPLSTLMLAGIREILIISTPQDTPRFQQLLGDG
SNWGLDLQYAVQPSPDGLAQAFLIGESFIGNDLSALVLGDNLYYGHDFHELLGSASQRQTGASVFAYHVLDPERYGVVEF
DQGGKAISLEEKPLEPKSNYAVTGLYFYDQQVVDIARDLKPSPRGELEITDVNRAYLERGQLSVEIMGRGYAWLDTGTHD
SLLEAGQFIATLENRQGLKVACPEEIAYRQKWIDAAQLEKLAAPLAKNGYGQYLKRLLTETVY
;
_entity_poly.pdbx_strand_id   A,B,C,D
#
# COMPACT_ATOMS: atom_id res chain seq x y z
N HIS A 2 -11.90 26.26 24.12
CA HIS A 2 -11.93 27.42 23.20
C HIS A 2 -11.15 27.15 21.91
N HIS A 3 -11.80 27.39 20.77
CA HIS A 3 -11.19 27.25 19.46
C HIS A 3 -10.84 28.62 18.89
N HIS A 4 -9.86 28.63 18.00
CA HIS A 4 -9.32 29.84 17.39
C HIS A 4 -9.29 29.67 15.87
N HIS A 5 -9.54 30.76 15.15
CA HIS A 5 -9.84 30.70 13.70
C HIS A 5 -8.65 31.01 12.76
N HIS A 6 -8.14 32.24 12.84
CA HIS A 6 -7.10 32.74 11.91
C HIS A 6 -7.55 32.71 10.45
N MET A 11 -10.90 28.16 3.78
CA MET A 11 -10.55 26.88 4.40
C MET A 11 -10.04 25.85 3.39
N LYS A 12 -9.21 24.92 3.87
CA LYS A 12 -8.70 23.81 3.07
C LYS A 12 -9.85 22.86 2.69
N ARG A 13 -9.81 22.33 1.48
CA ARG A 13 -10.73 21.25 1.10
C ARG A 13 -9.96 19.97 0.81
N LYS A 14 -10.38 18.86 1.43
CA LYS A 14 -9.73 17.57 1.21
C LYS A 14 -10.59 16.74 0.29
N GLY A 15 -9.98 15.77 -0.37
CA GLY A 15 -10.69 14.92 -1.32
C GLY A 15 -10.74 13.48 -0.89
N ILE A 16 -11.80 12.78 -1.31
CA ILE A 16 -11.92 11.35 -1.08
C ILE A 16 -12.29 10.73 -2.41
N ILE A 17 -11.59 9.65 -2.77
CA ILE A 17 -11.95 8.84 -3.94
C ILE A 17 -12.41 7.48 -3.43
N LEU A 18 -13.67 7.16 -3.71
CA LEU A 18 -14.18 5.86 -3.36
C LEU A 18 -13.95 4.89 -4.51
N ALA A 19 -13.01 3.97 -4.30
CA ALA A 19 -12.60 3.00 -5.33
C ALA A 19 -12.69 1.59 -4.77
N GLY A 20 -13.86 1.24 -4.25
CA GLY A 20 -14.07 -0.06 -3.60
C GLY A 20 -14.60 -1.19 -4.48
N GLY A 21 -14.21 -1.22 -5.75
CA GLY A 21 -14.67 -2.25 -6.69
C GLY A 21 -16.10 -2.09 -7.18
N SER A 22 -16.75 -3.21 -7.50
CA SER A 22 -18.11 -3.19 -8.08
C SER A 22 -18.87 -4.48 -7.77
N GLY A 23 -18.62 -5.05 -6.58
CA GLY A 23 -19.08 -6.39 -6.23
C GLY A 23 -18.83 -7.40 -7.34
N THR A 24 -19.86 -8.17 -7.70
CA THR A 24 -19.78 -9.19 -8.76
C THR A 24 -20.36 -8.73 -10.10
N ARG A 25 -20.74 -7.46 -10.19
CA ARG A 25 -21.52 -6.95 -11.31
C ARG A 25 -20.82 -7.09 -12.65
N LEU A 26 -19.49 -6.90 -12.66
CA LEU A 26 -18.70 -6.97 -13.89
C LEU A 26 -17.83 -8.23 -13.97
N HIS A 27 -18.03 -9.17 -13.05
CA HIS A 27 -17.36 -10.46 -13.12
C HIS A 27 -17.82 -11.19 -14.40
N PRO A 28 -16.93 -11.93 -15.07
CA PRO A 28 -15.61 -12.31 -14.56
C PRO A 28 -14.45 -11.35 -14.89
N ALA A 29 -14.71 -10.33 -15.71
CA ALA A 29 -13.71 -9.28 -16.06
C ALA A 29 -13.00 -8.70 -14.84
N THR A 30 -13.73 -8.51 -13.73
CA THR A 30 -13.19 -7.91 -12.51
C THR A 30 -12.86 -8.95 -11.41
N LEU A 31 -12.77 -10.23 -11.76
CA LEU A 31 -12.38 -11.24 -10.74
C LEU A 31 -10.95 -11.05 -10.25
N ALA A 32 -10.04 -10.69 -11.14
CA ALA A 32 -8.62 -10.56 -10.80
C ALA A 32 -8.22 -9.19 -10.26
N ILE A 33 -9.04 -8.16 -10.50
CA ILE A 33 -8.63 -6.79 -10.15
C ILE A 33 -9.83 -5.85 -10.07
N SER A 34 -9.73 -4.81 -9.24
CA SER A 34 -10.80 -3.83 -9.07
C SER A 34 -11.07 -3.06 -10.35
N LYS A 35 -12.34 -2.75 -10.57
CA LYS A 35 -12.81 -1.94 -11.70
C LYS A 35 -11.98 -0.67 -11.85
N GLN A 36 -11.62 -0.04 -10.74
CA GLN A 36 -10.96 1.26 -10.82
C GLN A 36 -9.48 1.20 -11.17
N LEU A 37 -8.92 0.00 -11.31
CA LEU A 37 -7.60 -0.17 -11.85
C LEU A 37 -7.64 -0.62 -13.31
N LEU A 38 -8.83 -0.89 -13.87
CA LEU A 38 -8.96 -1.23 -15.31
C LEU A 38 -8.55 0.00 -16.12
N PRO A 39 -7.81 -0.22 -17.21
CA PRO A 39 -7.52 0.94 -18.05
C PRO A 39 -8.73 1.48 -18.76
N VAL A 40 -8.79 2.79 -18.89
CA VAL A 40 -9.65 3.44 -19.89
C VAL A 40 -8.67 4.02 -20.90
N TYR A 41 -8.61 3.32 -22.03
CA TYR A 41 -7.61 3.54 -23.08
C TYR A 41 -6.20 3.34 -22.57
N ASP A 42 -5.51 4.39 -22.17
CA ASP A 42 -4.06 4.36 -21.94
C ASP A 42 -3.65 4.55 -20.49
N LYS A 43 -4.61 4.65 -19.58
CA LYS A 43 -4.27 4.93 -18.19
C LYS A 43 -5.32 4.32 -17.28
N PRO A 44 -4.92 3.99 -16.03
CA PRO A 44 -5.88 3.37 -15.11
C PRO A 44 -7.09 4.25 -14.85
N MET A 45 -8.24 3.63 -14.68
CA MET A 45 -9.46 4.36 -14.47
C MET A 45 -9.34 5.42 -13.37
N ILE A 46 -8.68 5.08 -12.27
CA ILE A 46 -8.58 6.00 -11.15
C ILE A 46 -7.85 7.32 -11.48
N TYR A 47 -7.02 7.35 -12.54
CA TYR A 47 -6.40 8.62 -12.96
C TYR A 47 -7.43 9.71 -13.29
N TYR A 48 -8.59 9.32 -13.80
CA TYR A 48 -9.60 10.28 -14.26
C TYR A 48 -10.21 11.04 -13.07
N PRO A 49 -10.79 10.33 -12.07
CA PRO A 49 -11.30 11.09 -10.90
C PRO A 49 -10.22 11.75 -10.05
N LEU A 50 -9.01 11.18 -10.03
CA LEU A 50 -7.89 11.81 -9.34
C LEU A 50 -7.60 13.15 -10.01
N SER A 51 -7.54 13.14 -11.34
CA SER A 51 -7.31 14.36 -12.11
C SER A 51 -8.40 15.40 -11.87
N THR A 52 -9.65 14.94 -11.72
CA THR A 52 -10.78 15.81 -11.40
C THR A 52 -10.58 16.51 -10.06
N LEU A 53 -10.17 15.78 -9.04
CA LEU A 53 -9.87 16.45 -7.75
C LEU A 53 -8.70 17.42 -7.87
N MET A 54 -7.68 17.03 -8.60
CA MET A 54 -6.51 17.93 -8.80
C MET A 54 -6.95 19.21 -9.54
N LEU A 55 -7.83 19.08 -10.52
CA LEU A 55 -8.35 20.26 -11.24
CA LEU A 55 -8.35 20.24 -11.25
C LEU A 55 -9.17 21.18 -10.34
N ALA A 56 -9.79 20.63 -9.30
CA ALA A 56 -10.51 21.40 -8.28
C ALA A 56 -9.55 22.05 -7.25
N GLY A 57 -8.24 21.83 -7.41
CA GLY A 57 -7.18 22.39 -6.55
C GLY A 57 -6.92 21.58 -5.31
N ILE A 58 -7.42 20.35 -5.26
CA ILE A 58 -7.32 19.53 -4.06
C ILE A 58 -6.03 18.70 -4.09
N ARG A 59 -5.23 18.80 -3.04
CA ARG A 59 -3.91 18.15 -2.96
C ARG A 59 -3.83 17.01 -1.94
N GLU A 60 -4.74 17.04 -0.96
CA GLU A 60 -4.75 16.04 0.11
C GLU A 60 -5.94 15.13 -0.10
N ILE A 61 -5.65 13.87 -0.43
CA ILE A 61 -6.68 12.97 -0.94
C ILE A 61 -6.60 11.61 -0.27
N LEU A 62 -7.76 11.09 0.16
CA LEU A 62 -7.89 9.74 0.68
C LEU A 62 -8.46 8.80 -0.40
N ILE A 63 -7.74 7.71 -0.64
CA ILE A 63 -8.21 6.65 -1.52
C ILE A 63 -8.79 5.53 -0.67
N ILE A 64 -10.07 5.24 -0.86
CA ILE A 64 -10.75 4.14 -0.18
C ILE A 64 -10.91 2.98 -1.13
N SER A 65 -10.42 1.80 -0.75
CA SER A 65 -10.49 0.63 -1.61
C SER A 65 -10.70 -0.61 -0.76
N THR A 66 -10.82 -1.77 -1.43
CA THR A 66 -10.95 -3.03 -0.71
C THR A 66 -9.62 -3.36 -0.03
N PRO A 67 -9.65 -4.17 1.05
CA PRO A 67 -8.37 -4.63 1.61
C PRO A 67 -7.50 -5.38 0.62
N GLN A 68 -8.12 -6.14 -0.27
CA GLN A 68 -7.37 -6.94 -1.25
CA GLN A 68 -7.40 -6.94 -1.27
C GLN A 68 -6.61 -6.07 -2.24
N ASP A 69 -7.18 -4.94 -2.65
CA ASP A 69 -6.52 -4.15 -3.71
C ASP A 69 -5.83 -2.88 -3.26
N THR A 70 -5.87 -2.55 -1.97
CA THR A 70 -5.19 -1.37 -1.51
C THR A 70 -3.69 -1.36 -1.91
N PRO A 71 -2.96 -2.49 -1.79
CA PRO A 71 -1.56 -2.48 -2.19
C PRO A 71 -1.33 -2.13 -3.65
N ARG A 72 -2.25 -2.51 -4.53
CA ARG A 72 -2.15 -2.21 -5.97
C ARG A 72 -2.34 -0.71 -6.22
N PHE A 73 -3.31 -0.10 -5.54
CA PHE A 73 -3.47 1.35 -5.62
C PHE A 73 -2.23 2.07 -5.08
N GLN A 74 -1.65 1.55 -3.98
CA GLN A 74 -0.44 2.13 -3.39
C GLN A 74 0.77 1.98 -4.31
N GLN A 75 0.85 0.84 -5.00
CA GLN A 75 1.92 0.59 -5.98
C GLN A 75 1.82 1.61 -7.12
N LEU A 76 0.60 1.81 -7.60
CA LEU A 76 0.36 2.76 -8.69
C LEU A 76 0.64 4.19 -8.28
N LEU A 77 0.07 4.63 -7.15
CA LEU A 77 0.00 6.06 -6.82
C LEU A 77 0.98 6.52 -5.75
N GLY A 78 1.45 5.58 -4.93
CA GLY A 78 2.35 5.93 -3.84
C GLY A 78 1.75 6.91 -2.84
N ASP A 79 2.61 7.75 -2.30
CA ASP A 79 2.16 8.72 -1.32
C ASP A 79 1.77 10.05 -1.96
N GLY A 80 1.88 10.13 -3.30
CA GLY A 80 1.49 11.29 -4.07
C GLY A 80 2.55 12.36 -4.22
N SER A 81 3.68 12.21 -3.50
CA SER A 81 4.71 13.24 -3.45
C SER A 81 5.31 13.51 -4.82
N ASN A 82 5.39 12.47 -5.64
CA ASN A 82 5.83 12.63 -7.03
C ASN A 82 5.01 13.64 -7.84
N TRP A 83 3.72 13.80 -7.49
CA TRP A 83 2.82 14.70 -8.24
C TRP A 83 2.40 15.93 -7.43
N GLY A 84 3.13 16.23 -6.35
CA GLY A 84 2.80 17.36 -5.49
C GLY A 84 1.53 17.18 -4.65
N LEU A 85 1.15 15.92 -4.42
CA LEU A 85 -0.02 15.54 -3.62
C LEU A 85 0.40 14.91 -2.31
N ASP A 86 -0.56 14.76 -1.40
CA ASP A 86 -0.40 13.83 -0.30
C ASP A 86 -1.57 12.88 -0.27
N LEU A 87 -1.26 11.62 -0.55
CA LEU A 87 -2.27 10.57 -0.61
C LEU A 87 -2.24 9.71 0.63
N GLN A 88 -3.43 9.45 1.16
CA GLN A 88 -3.63 8.49 2.24
C GLN A 88 -4.58 7.41 1.78
N TYR A 89 -4.59 6.30 2.51
CA TYR A 89 -5.34 5.12 2.11
C TYR A 89 -6.17 4.62 3.26
N ALA A 90 -7.35 4.13 2.93
CA ALA A 90 -8.23 3.48 3.88
C ALA A 90 -8.90 2.31 3.20
N VAL A 91 -9.43 1.37 3.99
CA VAL A 91 -10.08 0.20 3.44
C VAL A 91 -11.57 0.23 3.75
N GLN A 92 -12.33 -0.38 2.83
CA GLN A 92 -13.76 -0.57 3.01
C GLN A 92 -13.94 -2.08 2.92
N PRO A 93 -14.00 -2.78 4.08
CA PRO A 93 -14.09 -4.25 4.09
C PRO A 93 -15.37 -4.81 3.47
N SER A 94 -16.49 -4.12 3.66
CA SER A 94 -17.78 -4.49 3.06
C SER A 94 -18.37 -3.31 2.27
N PRO A 95 -18.97 -3.56 1.09
CA PRO A 95 -19.53 -2.46 0.31
C PRO A 95 -20.89 -2.00 0.87
N ASP A 96 -20.84 -1.12 1.88
CA ASP A 96 -22.05 -0.70 2.62
C ASP A 96 -22.62 0.67 2.21
N GLY A 97 -22.19 1.21 1.06
CA GLY A 97 -22.75 2.45 0.52
C GLY A 97 -21.76 3.62 0.43
N LEU A 98 -22.07 4.56 -0.45
CA LEU A 98 -21.16 5.68 -0.76
C LEU A 98 -20.95 6.59 0.45
N ALA A 99 -22.01 6.81 1.22
CA ALA A 99 -21.95 7.71 2.35
C ALA A 99 -21.07 7.18 3.48
N GLN A 100 -20.75 5.88 3.47
CA GLN A 100 -19.79 5.32 4.42
C GLN A 100 -18.39 5.94 4.26
N ALA A 101 -18.09 6.52 3.09
CA ALA A 101 -16.84 7.27 2.90
C ALA A 101 -16.56 8.31 3.98
N PHE A 102 -17.62 8.97 4.48
CA PHE A 102 -17.47 10.00 5.48
C PHE A 102 -17.20 9.45 6.89
N LEU A 103 -17.65 8.22 7.14
CA LEU A 103 -17.34 7.52 8.40
C LEU A 103 -15.92 6.94 8.36
N ILE A 104 -15.60 6.25 7.28
CA ILE A 104 -14.25 5.73 7.08
C ILE A 104 -13.24 6.87 7.09
N GLY A 105 -13.58 7.99 6.42
CA GLY A 105 -12.69 9.13 6.30
C GLY A 105 -12.83 10.20 7.36
N GLU A 106 -13.52 9.91 8.46
CA GLU A 106 -13.77 10.94 9.48
C GLU A 106 -12.48 11.55 10.05
N SER A 107 -11.53 10.72 10.48
CA SER A 107 -10.26 11.24 10.99
C SER A 107 -9.47 12.01 9.92
N PHE A 108 -9.52 11.51 8.68
CA PHE A 108 -8.84 12.17 7.55
C PHE A 108 -9.41 13.59 7.29
N ILE A 109 -10.73 13.70 7.31
CA ILE A 109 -11.41 14.97 7.04
C ILE A 109 -11.12 15.97 8.16
N GLY A 110 -11.20 15.50 9.39
CA GLY A 110 -10.99 16.39 10.53
C GLY A 110 -12.04 17.49 10.48
N ASN A 111 -11.60 18.74 10.58
CA ASN A 111 -12.52 19.87 10.62
C ASN A 111 -12.59 20.63 9.30
N ASP A 112 -12.20 19.97 8.22
CA ASP A 112 -12.10 20.64 6.94
C ASP A 112 -13.33 20.43 6.07
N LEU A 113 -13.37 21.20 4.99
CA LEU A 113 -14.30 20.99 3.90
C LEU A 113 -13.84 19.75 3.13
N SER A 114 -14.74 19.19 2.34
CA SER A 114 -14.41 17.97 1.61
C SER A 114 -15.02 17.91 0.24
N ALA A 115 -14.51 16.97 -0.55
CA ALA A 115 -15.11 16.62 -1.84
C ALA A 115 -15.00 15.11 -1.98
N LEU A 116 -16.07 14.49 -2.46
CA LEU A 116 -16.07 13.07 -2.72
C LEU A 116 -16.25 12.84 -4.21
N VAL A 117 -15.42 11.98 -4.78
CA VAL A 117 -15.59 11.57 -6.17
C VAL A 117 -15.60 10.05 -6.25
N LEU A 118 -16.45 9.52 -7.12
CA LEU A 118 -16.45 8.08 -7.38
C LEU A 118 -15.24 7.71 -8.25
N GLY A 119 -14.59 6.61 -7.92
CA GLY A 119 -13.37 6.17 -8.59
C GLY A 119 -13.59 5.71 -10.02
N ASP A 120 -14.86 5.62 -10.45
CA ASP A 120 -15.20 5.21 -11.81
C ASP A 120 -15.90 6.32 -12.60
N ASN A 121 -15.77 7.57 -12.15
CA ASN A 121 -16.41 8.73 -12.81
C ASN A 121 -15.41 9.47 -13.68
N LEU A 122 -15.76 9.62 -14.96
CA LEU A 122 -14.91 10.27 -15.96
C LEU A 122 -15.63 11.48 -16.47
N TYR A 123 -14.95 12.62 -16.49
CA TYR A 123 -15.50 13.85 -17.03
C TYR A 123 -14.61 14.44 -18.11
N TYR A 124 -15.22 15.11 -19.08
CA TYR A 124 -14.44 15.82 -20.10
C TYR A 124 -15.19 17.07 -20.54
N GLY A 125 -14.45 18.16 -20.72
CA GLY A 125 -14.98 19.36 -21.37
C GLY A 125 -14.35 20.70 -21.03
N HIS A 126 -14.84 21.73 -21.72
CA HIS A 126 -14.27 23.06 -21.68
C HIS A 126 -14.65 23.80 -20.41
N ASP A 127 -13.68 24.46 -19.79
CA ASP A 127 -13.90 25.28 -18.59
C ASP A 127 -14.34 24.41 -17.41
N PHE A 128 -13.98 23.13 -17.42
CA PHE A 128 -14.34 22.23 -16.33
C PHE A 128 -13.65 22.72 -15.06
N HIS A 129 -12.41 23.19 -15.19
CA HIS A 129 -11.69 23.88 -14.10
C HIS A 129 -12.50 25.01 -13.43
N GLU A 130 -13.21 25.81 -14.24
CA GLU A 130 -14.04 26.89 -13.75
C GLU A 130 -15.35 26.39 -13.15
N LEU A 131 -15.96 25.37 -13.77
CA LEU A 131 -17.14 24.71 -13.18
C LEU A 131 -16.85 24.16 -11.79
N LEU A 132 -15.68 23.55 -11.61
CA LEU A 132 -15.27 23.02 -10.29
C LEU A 132 -14.95 24.16 -9.32
N GLY A 133 -14.37 25.24 -9.82
CA GLY A 133 -13.99 26.41 -9.00
C GLY A 133 -15.13 27.03 -8.21
N SER A 134 -16.26 27.22 -8.87
CA SER A 134 -17.48 27.75 -8.24
C SER A 134 -17.94 26.89 -7.05
N ALA A 135 -17.95 25.58 -7.26
CA ALA A 135 -18.34 24.64 -6.20
C ALA A 135 -17.32 24.65 -5.08
N SER A 136 -16.05 24.61 -5.45
CA SER A 136 -14.96 24.55 -4.46
C SER A 136 -14.95 25.79 -3.57
N GLN A 137 -15.21 26.96 -4.15
CA GLN A 137 -15.17 28.24 -3.42
C GLN A 137 -16.30 28.45 -2.40
N ARG A 138 -17.41 27.73 -2.54
CA ARG A 138 -18.48 27.74 -1.54
C ARG A 138 -18.03 27.10 -0.22
N GLN A 139 -17.93 27.90 0.83
CA GLN A 139 -17.43 27.48 2.14
C GLN A 139 -18.49 26.83 3.02
N THR A 140 -19.77 26.97 2.65
CA THR A 140 -20.86 26.36 3.38
C THR A 140 -21.81 25.64 2.44
N GLY A 141 -22.54 24.69 3.01
CA GLY A 141 -23.47 23.87 2.26
C GLY A 141 -22.78 22.82 1.42
N ALA A 142 -23.54 22.28 0.49
CA ALA A 142 -23.08 21.22 -0.39
C ALA A 142 -23.30 21.66 -1.83
N SER A 143 -22.47 21.14 -2.73
CA SER A 143 -22.66 21.39 -4.15
C SER A 143 -22.60 20.08 -4.92
N VAL A 144 -23.58 19.88 -5.80
CA VAL A 144 -23.59 18.75 -6.72
C VAL A 144 -23.84 19.26 -8.14
N PHE A 145 -23.64 18.35 -9.09
CA PHE A 145 -23.84 18.62 -10.51
C PHE A 145 -24.91 17.70 -11.08
N ALA A 146 -25.80 18.28 -11.87
CA ALA A 146 -26.85 17.55 -12.55
C ALA A 146 -26.57 17.50 -14.04
N TYR A 147 -26.79 16.33 -14.63
CA TYR A 147 -26.47 16.07 -16.04
C TYR A 147 -27.61 15.30 -16.69
N HIS A 148 -28.01 15.76 -17.86
CA HIS A 148 -29.08 15.12 -18.63
C HIS A 148 -28.62 13.77 -19.18
N VAL A 149 -29.35 12.72 -18.84
CA VAL A 149 -29.02 11.37 -19.31
C VAL A 149 -30.23 10.69 -19.92
N LEU A 150 -29.96 9.64 -20.69
CA LEU A 150 -31.00 8.83 -21.31
C LEU A 150 -31.78 7.99 -20.29
N ASP A 151 -31.09 7.59 -19.23
CA ASP A 151 -31.57 6.55 -18.28
C ASP A 151 -31.51 7.02 -16.80
N PRO A 152 -32.26 8.09 -16.49
CA PRO A 152 -32.19 8.71 -15.15
C PRO A 152 -32.62 7.75 -14.02
N GLU A 153 -33.43 6.76 -14.37
CA GLU A 153 -33.83 5.71 -13.40
C GLU A 153 -32.68 4.93 -12.76
N ARG A 154 -31.48 4.98 -13.35
CA ARG A 154 -30.29 4.38 -12.75
C ARG A 154 -29.60 5.21 -11.66
N TYR A 155 -30.05 6.46 -11.45
CA TYR A 155 -29.32 7.47 -10.71
C TYR A 155 -30.18 8.15 -9.66
N GLY A 156 -29.52 8.99 -8.87
CA GLY A 156 -30.18 10.04 -8.10
C GLY A 156 -30.67 11.07 -9.11
N VAL A 157 -31.94 11.41 -9.03
CA VAL A 157 -32.59 12.29 -9.99
C VAL A 157 -33.06 13.56 -9.32
N VAL A 158 -32.82 14.69 -9.97
CA VAL A 158 -33.16 15.99 -9.43
C VAL A 158 -34.40 16.53 -10.15
N GLU A 159 -35.38 16.97 -9.36
CA GLU A 159 -36.57 17.65 -9.88
C GLU A 159 -36.41 19.15 -9.67
N PHE A 160 -36.77 19.92 -10.69
CA PHE A 160 -36.67 21.37 -10.69
C PHE A 160 -38.06 22.00 -10.80
N ASP A 161 -38.27 23.16 -10.17
CA ASP A 161 -39.50 23.93 -10.40
C ASP A 161 -39.38 24.78 -11.68
N GLN A 162 -40.45 25.50 -12.03
CA GLN A 162 -40.46 26.35 -13.25
C GLN A 162 -39.36 27.41 -13.30
N GLY A 163 -38.91 27.91 -12.13
CA GLY A 163 -37.81 28.86 -12.07
C GLY A 163 -36.41 28.27 -12.13
N GLY A 164 -36.32 26.94 -12.22
CA GLY A 164 -35.04 26.23 -12.26
C GLY A 164 -34.43 25.91 -10.91
N LYS A 165 -35.20 26.01 -9.82
CA LYS A 165 -34.70 25.69 -8.49
C LYS A 165 -34.90 24.19 -8.23
N ALA A 166 -33.87 23.54 -7.69
CA ALA A 166 -34.00 22.13 -7.30
C ALA A 166 -34.95 21.99 -6.12
N ILE A 167 -35.96 21.14 -6.25
CA ILE A 167 -36.98 20.97 -5.22
C ILE A 167 -37.10 19.57 -4.62
N SER A 168 -36.63 18.54 -5.33
CA SER A 168 -36.58 17.19 -4.77
C SER A 168 -35.45 16.38 -5.38
N LEU A 169 -35.10 15.30 -4.67
CA LEU A 169 -34.10 14.34 -5.08
C LEU A 169 -34.69 12.98 -4.82
N GLU A 170 -34.59 12.08 -5.79
CA GLU A 170 -35.08 10.71 -5.64
C GLU A 170 -34.03 9.72 -6.10
N GLU A 171 -33.77 8.69 -5.31
CA GLU A 171 -32.78 7.67 -5.68
C GLU A 171 -33.42 6.57 -6.53
N LYS A 172 -32.96 6.44 -7.77
CA LYS A 172 -33.43 5.40 -8.69
C LYS A 172 -34.96 5.32 -8.80
N PRO A 173 -35.62 6.45 -9.07
CA PRO A 173 -37.08 6.42 -9.24
C PRO A 173 -37.49 5.59 -10.45
N LEU A 174 -38.54 4.78 -10.30
CA LEU A 174 -39.12 4.06 -11.44
C LEU A 174 -39.74 4.98 -12.48
N GLU A 175 -40.27 6.14 -12.02
CA GLU A 175 -40.82 7.18 -12.89
C GLU A 175 -40.13 8.52 -12.59
N PRO A 176 -38.95 8.72 -13.20
CA PRO A 176 -38.18 9.93 -12.90
C PRO A 176 -38.89 11.22 -13.21
N LYS A 177 -38.70 12.22 -12.37
CA LYS A 177 -39.36 13.53 -12.55
C LYS A 177 -38.65 14.38 -13.60
N SER A 178 -37.40 14.05 -13.87
CA SER A 178 -36.64 14.71 -14.94
C SER A 178 -35.63 13.71 -15.47
N ASN A 179 -34.89 14.15 -16.50
CA ASN A 179 -33.77 13.39 -17.00
C ASN A 179 -32.42 13.82 -16.42
N TYR A 180 -32.45 14.64 -15.36
CA TYR A 180 -31.23 15.17 -14.71
C TYR A 180 -30.75 14.27 -13.58
N ALA A 181 -29.64 13.57 -13.83
CA ALA A 181 -28.96 12.70 -12.87
C ALA A 181 -27.91 13.46 -12.08
N VAL A 182 -27.75 13.11 -10.82
CA VAL A 182 -26.67 13.67 -10.01
C VAL A 182 -25.40 12.91 -10.35
N THR A 183 -24.36 13.64 -10.75
CA THR A 183 -23.10 13.00 -11.12
C THR A 183 -22.35 12.55 -9.85
N GLY A 184 -21.28 11.77 -10.03
CA GLY A 184 -20.51 11.22 -8.91
C GLY A 184 -19.41 12.13 -8.36
N LEU A 185 -19.67 13.44 -8.27
CA LEU A 185 -18.75 14.40 -7.70
C LEU A 185 -19.53 15.29 -6.76
N TYR A 186 -19.11 15.34 -5.49
CA TYR A 186 -19.89 15.94 -4.42
C TYR A 186 -18.99 16.86 -3.59
N PHE A 187 -19.40 18.10 -3.36
CA PHE A 187 -18.65 19.02 -2.49
C PHE A 187 -19.42 19.28 -1.19
N TYR A 188 -18.75 19.17 -0.05
CA TYR A 188 -19.41 19.27 1.27
C TYR A 188 -18.67 20.21 2.22
N ASP A 189 -19.44 20.83 3.11
CA ASP A 189 -18.87 21.58 4.23
C ASP A 189 -18.68 20.67 5.45
N GLN A 190 -18.48 21.28 6.63
CA GLN A 190 -18.10 20.49 7.81
C GLN A 190 -19.27 19.72 8.43
N GLN A 191 -20.49 19.93 7.93
CA GLN A 191 -21.67 19.24 8.44
C GLN A 191 -21.79 17.78 7.99
N VAL A 192 -21.03 17.38 6.96
CA VAL A 192 -21.34 16.11 6.31
C VAL A 192 -21.09 14.86 7.17
N VAL A 193 -20.05 14.88 7.99
CA VAL A 193 -19.74 13.69 8.80
C VAL A 193 -20.90 13.42 9.79
N ASP A 194 -21.41 14.48 10.42
CA ASP A 194 -22.57 14.35 11.35
C ASP A 194 -23.84 13.89 10.65
N ILE A 195 -24.09 14.38 9.44
CA ILE A 195 -25.22 13.92 8.62
C ILE A 195 -25.05 12.43 8.31
N ALA A 196 -23.85 12.04 7.90
CA ALA A 196 -23.56 10.67 7.56
C ALA A 196 -23.71 9.73 8.75
N ARG A 197 -23.23 10.16 9.92
CA ARG A 197 -23.36 9.37 11.16
C ARG A 197 -24.81 9.06 11.55
N ASP A 198 -25.73 9.95 11.19
CA ASP A 198 -27.16 9.78 11.51
C ASP A 198 -27.98 9.04 10.44
N LEU A 199 -27.38 8.68 9.30
CA LEU A 199 -28.11 7.93 8.28
C LEU A 199 -28.45 6.52 8.75
N LYS A 200 -29.62 6.04 8.34
CA LYS A 200 -29.98 4.63 8.48
C LYS A 200 -29.83 3.92 7.14
N PRO A 201 -29.51 2.61 7.15
CA PRO A 201 -29.46 1.87 5.89
C PRO A 201 -30.81 1.89 5.15
N SER A 202 -30.73 1.99 3.82
CA SER A 202 -31.92 1.94 2.96
C SER A 202 -32.44 0.49 2.87
N PRO A 203 -33.60 0.28 2.21
CA PRO A 203 -34.05 -1.10 1.92
C PRO A 203 -33.03 -1.99 1.21
N ARG A 204 -32.23 -1.43 0.29
CA ARG A 204 -31.16 -2.18 -0.39
C ARG A 204 -29.89 -2.43 0.45
N GLY A 205 -29.87 -1.95 1.71
CA GLY A 205 -28.78 -2.23 2.65
C GLY A 205 -27.56 -1.33 2.47
N GLU A 206 -27.79 -0.05 2.19
CA GLU A 206 -26.71 0.91 1.90
C GLU A 206 -26.94 2.27 2.58
N LEU A 207 -25.84 2.90 2.99
CA LEU A 207 -25.85 4.30 3.45
C LEU A 207 -25.78 5.18 2.20
N GLU A 208 -26.88 5.86 1.90
CA GLU A 208 -27.11 6.48 0.60
C GLU A 208 -26.64 7.93 0.54
N ILE A 209 -25.84 8.24 -0.47
CA ILE A 209 -25.42 9.64 -0.71
C ILE A 209 -26.62 10.57 -1.02
N THR A 210 -27.69 10.04 -1.60
CA THR A 210 -28.85 10.85 -1.90
C THR A 210 -29.53 11.34 -0.62
N ASP A 211 -29.47 10.52 0.43
CA ASP A 211 -29.96 10.93 1.75
C ASP A 211 -29.12 12.06 2.35
N VAL A 212 -27.80 12.03 2.14
CA VAL A 212 -26.94 13.15 2.56
C VAL A 212 -27.36 14.40 1.80
N ASN A 213 -27.52 14.28 0.49
CA ASN A 213 -27.83 15.44 -0.33
C ASN A 213 -29.19 16.02 0.00
N ARG A 214 -30.16 15.14 0.27
CA ARG A 214 -31.49 15.57 0.68
C ARG A 214 -31.48 16.32 2.02
N ALA A 215 -30.62 15.90 2.95
CA ALA A 215 -30.45 16.63 4.21
C ALA A 215 -30.01 18.07 3.99
N TYR A 216 -29.02 18.30 3.10
CA TYR A 216 -28.64 19.65 2.72
C TYR A 216 -29.75 20.41 2.01
N LEU A 217 -30.49 19.73 1.15
CA LEU A 217 -31.63 20.32 0.45
C LEU A 217 -32.70 20.81 1.42
N GLU A 218 -33.03 19.97 2.39
CA GLU A 218 -34.01 20.34 3.45
C GLU A 218 -33.59 21.53 4.34
N ARG A 219 -32.28 21.74 4.48
CA ARG A 219 -31.71 22.90 5.19
C ARG A 219 -31.52 24.13 4.31
N GLY A 220 -31.91 24.04 3.04
CA GLY A 220 -31.71 25.11 2.06
C GLY A 220 -30.25 25.38 1.71
N GLN A 221 -29.40 24.36 1.82
CA GLN A 221 -27.95 24.51 1.61
C GLN A 221 -27.39 23.56 0.56
N LEU A 222 -28.24 23.15 -0.39
CA LEU A 222 -27.77 22.36 -1.54
C LEU A 222 -27.79 23.22 -2.80
N SER A 223 -26.63 23.35 -3.42
CA SER A 223 -26.48 24.00 -4.71
C SER A 223 -26.41 22.89 -5.73
N VAL A 224 -27.28 22.95 -6.73
CA VAL A 224 -27.29 22.01 -7.85
C VAL A 224 -26.91 22.81 -9.08
N GLU A 225 -25.70 22.61 -9.57
CA GLU A 225 -25.29 23.29 -10.80
C GLU A 225 -25.49 22.33 -11.98
N ILE A 226 -25.96 22.84 -13.10
CA ILE A 226 -26.12 22.05 -14.29
C ILE A 226 -24.75 21.87 -14.94
N MET A 227 -24.41 20.61 -15.24
CA MET A 227 -23.25 20.30 -16.08
C MET A 227 -23.89 20.12 -17.44
N GLY A 228 -23.61 21.06 -18.34
CA GLY A 228 -24.29 21.10 -19.62
C GLY A 228 -23.92 20.01 -20.61
N ARG A 229 -24.70 19.94 -21.69
CA ARG A 229 -24.59 18.89 -22.68
C ARG A 229 -23.28 18.93 -23.47
N GLY A 230 -22.57 20.06 -23.38
CA GLY A 230 -21.24 20.17 -23.98
C GLY A 230 -20.13 19.55 -23.18
N TYR A 231 -20.44 19.02 -21.99
CA TYR A 231 -19.52 18.16 -21.25
C TYR A 231 -19.88 16.70 -21.44
N ALA A 232 -18.87 15.84 -21.34
CA ALA A 232 -19.09 14.40 -21.38
C ALA A 232 -18.91 13.88 -19.97
N TRP A 233 -19.94 13.21 -19.46
CA TRP A 233 -19.83 12.45 -18.21
C TRP A 233 -20.00 11.01 -18.64
N LEU A 234 -18.88 10.25 -18.70
CA LEU A 234 -18.87 8.96 -19.41
C LEU A 234 -19.33 7.84 -18.49
N ASP A 235 -20.03 6.87 -19.07
CA ASP A 235 -20.61 5.78 -18.31
C ASP A 235 -19.56 4.67 -18.20
N THR A 236 -19.24 4.21 -16.99
CA THR A 236 -18.38 3.01 -16.80
C THR A 236 -19.13 1.85 -16.15
N GLY A 237 -20.45 1.88 -16.18
CA GLY A 237 -21.27 0.89 -15.50
C GLY A 237 -21.34 -0.52 -16.10
N THR A 238 -21.09 -0.64 -17.40
CA THR A 238 -21.25 -1.91 -18.10
C THR A 238 -20.04 -2.14 -18.97
N HIS A 239 -19.87 -3.38 -19.42
CA HIS A 239 -18.75 -3.67 -20.34
C HIS A 239 -18.88 -2.85 -21.61
N ASP A 240 -20.10 -2.70 -22.11
CA ASP A 240 -20.34 -1.87 -23.30
C ASP A 240 -19.90 -0.43 -23.07
N SER A 241 -20.32 0.16 -21.96
CA SER A 241 -20.02 1.58 -21.73
C SER A 241 -18.52 1.81 -21.46
N LEU A 242 -17.85 0.82 -20.86
CA LEU A 242 -16.39 0.91 -20.67
C LEU A 242 -15.65 0.97 -21.99
N LEU A 243 -16.07 0.15 -22.94
CA LEU A 243 -15.47 0.19 -24.28
CA LEU A 243 -15.49 0.19 -24.31
C LEU A 243 -15.70 1.56 -24.93
N GLU A 244 -16.93 2.08 -24.83
CA GLU A 244 -17.22 3.43 -25.35
C GLU A 244 -16.35 4.50 -24.70
N ALA A 245 -16.14 4.41 -23.39
CA ALA A 245 -15.29 5.38 -22.71
C ALA A 245 -13.86 5.37 -23.26
N GLY A 246 -13.31 4.18 -23.44
CA GLY A 246 -11.98 4.00 -24.00
C GLY A 246 -11.88 4.58 -25.41
N GLN A 247 -12.88 4.31 -26.25
CA GLN A 247 -12.90 4.83 -27.62
CA GLN A 247 -12.88 4.82 -27.64
C GLN A 247 -12.99 6.35 -27.63
N PHE A 248 -13.76 6.90 -26.70
CA PHE A 248 -13.98 8.36 -26.61
C PHE A 248 -12.65 9.06 -26.29
N ILE A 249 -11.95 8.58 -25.28
CA ILE A 249 -10.67 9.13 -24.87
C ILE A 249 -9.65 8.97 -25.98
N ALA A 250 -9.60 7.78 -26.57
CA ALA A 250 -8.63 7.53 -27.68
C ALA A 250 -8.86 8.51 -28.82
N THR A 251 -10.11 8.74 -29.18
CA THR A 251 -10.42 9.67 -30.28
C THR A 251 -9.92 11.07 -29.98
N LEU A 252 -10.19 11.57 -28.79
CA LEU A 252 -9.71 12.91 -28.41
C LEU A 252 -8.19 13.01 -28.39
N GLU A 253 -7.54 12.05 -27.75
CA GLU A 253 -6.08 12.12 -27.55
C GLU A 253 -5.35 11.99 -28.89
N ASN A 254 -5.84 11.10 -29.75
CA ASN A 254 -5.18 10.89 -31.04
C ASN A 254 -5.45 12.05 -32.00
N ARG A 255 -6.55 12.75 -31.82
CA ARG A 255 -6.83 13.97 -32.60
C ARG A 255 -5.91 15.12 -32.15
N GLN A 256 -5.85 15.34 -30.85
CA GLN A 256 -5.27 16.54 -30.31
C GLN A 256 -3.78 16.45 -30.09
N GLY A 257 -3.27 15.24 -29.88
CA GLY A 257 -1.92 15.08 -29.34
C GLY A 257 -1.79 15.61 -27.93
N LEU A 258 -2.91 15.59 -27.18
CA LEU A 258 -2.95 16.02 -25.79
C LEU A 258 -3.68 14.94 -25.04
N LYS A 259 -3.35 14.74 -23.77
CA LYS A 259 -4.01 13.74 -22.96
C LYS A 259 -5.14 14.32 -22.14
N VAL A 260 -6.12 13.46 -21.87
CA VAL A 260 -7.16 13.74 -20.90
C VAL A 260 -6.76 13.09 -19.58
N ALA A 261 -6.79 13.87 -18.50
CA ALA A 261 -6.55 13.33 -17.14
C ALA A 261 -5.16 12.73 -16.95
N CYS A 262 -4.15 13.46 -17.41
CA CYS A 262 -2.76 13.12 -17.14
C CYS A 262 -2.36 13.82 -15.83
N PRO A 263 -2.24 13.06 -14.70
CA PRO A 263 -2.00 13.76 -13.44
C PRO A 263 -0.68 14.53 -13.41
N GLU A 264 0.34 14.01 -14.10
CA GLU A 264 1.65 14.69 -14.10
C GLU A 264 1.53 16.06 -14.74
N GLU A 265 0.76 16.11 -15.82
CA GLU A 265 0.51 17.34 -16.53
C GLU A 265 -0.25 18.34 -15.67
N ILE A 266 -1.29 17.88 -14.99
CA ILE A 266 -2.09 18.76 -14.16
C ILE A 266 -1.25 19.34 -13.01
N ALA A 267 -0.44 18.49 -12.39
CA ALA A 267 0.45 18.93 -11.30
C ALA A 267 1.45 19.99 -11.80
N TYR A 268 1.97 19.77 -13.00
CA TYR A 268 2.90 20.71 -13.62
C TYR A 268 2.23 22.05 -13.94
N ARG A 269 1.03 22.00 -14.53
CA ARG A 269 0.29 23.23 -14.85
C ARG A 269 -0.20 24.00 -13.62
N GLN A 270 -0.44 23.30 -12.52
CA GLN A 270 -0.83 23.90 -11.24
C GLN A 270 0.39 24.45 -10.47
N LYS A 271 1.59 24.16 -10.97
CA LYS A 271 2.86 24.53 -10.31
C LYS A 271 3.07 23.79 -8.97
N TRP A 272 2.52 22.58 -8.88
CA TRP A 272 2.74 21.70 -7.74
C TRP A 272 4.02 20.87 -7.90
N ILE A 273 4.45 20.69 -9.14
CA ILE A 273 5.78 20.18 -9.45
C ILE A 273 6.40 21.10 -10.49
N ASP A 274 7.72 21.18 -10.49
CA ASP A 274 8.44 22.05 -11.43
C ASP A 274 9.01 21.22 -12.59
N ALA A 275 9.68 21.91 -13.51
CA ALA A 275 10.24 21.27 -14.71
C ALA A 275 11.21 20.14 -14.40
N ALA A 276 12.10 20.37 -13.44
CA ALA A 276 13.09 19.37 -13.01
C ALA A 276 12.43 18.08 -12.56
N GLN A 277 11.36 18.22 -11.77
CA GLN A 277 10.63 17.06 -11.27
CA GLN A 277 10.61 17.07 -11.27
C GLN A 277 9.88 16.32 -12.38
N LEU A 278 9.24 17.07 -13.29
CA LEU A 278 8.53 16.47 -14.40
C LEU A 278 9.48 15.69 -15.32
N GLU A 279 10.69 16.21 -15.51
CA GLU A 279 11.73 15.51 -16.27
C GLU A 279 12.06 14.15 -15.66
N LYS A 280 12.23 14.11 -14.34
CA LYS A 280 12.46 12.85 -13.61
C LYS A 280 11.33 11.84 -13.77
N LEU A 281 10.08 12.31 -13.75
CA LEU A 281 8.92 11.43 -13.95
C LEU A 281 8.86 10.84 -15.36
N ALA A 282 9.35 11.59 -16.35
CA ALA A 282 9.35 11.13 -17.74
C ALA A 282 10.37 10.01 -17.98
N ALA A 283 11.51 10.06 -17.28
CA ALA A 283 12.61 9.10 -17.48
C ALA A 283 12.23 7.59 -17.45
N PRO A 284 11.50 7.13 -16.42
CA PRO A 284 11.10 5.70 -16.42
C PRO A 284 10.23 5.27 -17.60
N LEU A 285 9.38 6.16 -18.11
CA LEU A 285 8.47 5.86 -19.22
C LEU A 285 8.98 6.34 -20.59
N ALA A 286 10.27 6.66 -20.71
CA ALA A 286 10.80 7.37 -21.88
C ALA A 286 10.70 6.61 -23.22
N LYS A 287 10.71 5.28 -23.15
CA LYS A 287 10.59 4.45 -24.36
C LYS A 287 9.14 4.23 -24.82
N ASN A 288 8.14 4.72 -24.06
CA ASN A 288 6.75 4.67 -24.53
C ASN A 288 6.15 6.06 -24.75
N GLY A 289 4.96 6.09 -25.36
CA GLY A 289 4.28 7.32 -25.71
C GLY A 289 3.94 8.21 -24.53
N TYR A 290 3.68 7.60 -23.37
CA TYR A 290 3.32 8.38 -22.18
C TYR A 290 4.53 9.20 -21.68
N GLY A 291 5.69 8.56 -21.54
CA GLY A 291 6.91 9.28 -21.17
C GLY A 291 7.30 10.36 -22.17
N GLN A 292 7.16 10.04 -23.46
CA GLN A 292 7.46 11.00 -24.54
C GLN A 292 6.53 12.21 -24.50
N TYR A 293 5.27 11.98 -24.11
CA TYR A 293 4.35 13.06 -23.87
C TYR A 293 4.79 13.96 -22.71
N LEU A 294 5.17 13.36 -21.58
CA LEU A 294 5.66 14.13 -20.44
C LEU A 294 6.88 14.98 -20.83
N LYS A 295 7.76 14.42 -21.66
CA LYS A 295 8.92 15.16 -22.16
C LYS A 295 8.52 16.37 -23.02
N ARG A 296 7.57 16.17 -23.93
CA ARG A 296 7.09 17.24 -24.82
C ARG A 296 6.49 18.42 -24.03
N LEU A 297 5.78 18.11 -22.94
CA LEU A 297 5.25 19.14 -22.02
C LEU A 297 6.28 20.17 -21.55
N LEU A 298 7.54 19.76 -21.38
CA LEU A 298 8.59 20.66 -20.87
C LEU A 298 8.93 21.85 -21.77
N THR A 299 8.78 21.68 -23.08
CA THR A 299 9.15 22.72 -24.05
C THR A 299 7.96 23.41 -24.74
N GLU A 300 6.82 22.73 -24.82
CA GLU A 300 5.68 23.24 -25.59
C GLU A 300 4.76 24.14 -24.78
N THR A 301 4.35 25.28 -25.37
CA THR A 301 3.30 26.12 -24.81
C THR A 301 1.95 25.55 -25.28
N VAL A 302 1.08 25.20 -24.33
CA VAL A 302 -0.28 24.76 -24.64
C VAL A 302 -1.25 25.73 -24.00
N TYR A 303 -2.14 26.31 -24.79
CA TYR A 303 -3.11 27.27 -24.28
C TYR A 303 -4.34 26.59 -23.69
N MET B 11 -0.51 -40.42 -28.05
CA MET B 11 0.20 -39.72 -26.93
C MET B 11 -0.60 -38.54 -26.38
N LYS B 12 -0.39 -38.26 -25.09
CA LYS B 12 -1.01 -37.11 -24.42
C LYS B 12 -0.31 -35.82 -24.87
N ARG B 13 -1.08 -34.75 -25.07
CA ARG B 13 -0.52 -33.41 -25.32
C ARG B 13 -0.86 -32.46 -24.18
N LYS B 14 0.17 -31.88 -23.57
CA LYS B 14 0.01 -30.90 -22.50
C LYS B 14 0.13 -29.48 -23.05
N GLY B 15 -0.49 -28.52 -22.36
CA GLY B 15 -0.49 -27.14 -22.83
C GLY B 15 0.26 -26.23 -21.87
N ILE B 16 0.87 -25.18 -22.41
CA ILE B 16 1.49 -24.10 -21.62
C ILE B 16 0.91 -22.78 -22.10
N ILE B 17 0.51 -21.91 -21.17
CA ILE B 17 0.15 -20.54 -21.49
C ILE B 17 1.25 -19.67 -20.92
N LEU B 18 1.95 -18.95 -21.78
CA LEU B 18 2.97 -18.01 -21.32
C LEU B 18 2.34 -16.60 -21.16
N ALA B 19 2.09 -16.20 -19.92
CA ALA B 19 1.46 -14.92 -19.61
C ALA B 19 2.40 -14.07 -18.77
N GLY B 20 3.58 -13.83 -19.35
CA GLY B 20 4.65 -13.11 -18.68
C GLY B 20 4.57 -11.61 -18.84
N GLY B 21 5.60 -10.91 -18.41
CA GLY B 21 5.58 -9.45 -18.37
C GLY B 21 5.65 -8.82 -19.74
N SER B 22 4.83 -7.79 -19.97
CA SER B 22 4.91 -6.98 -21.19
C SER B 22 5.81 -5.75 -20.99
N GLY B 23 6.85 -5.88 -20.15
CA GLY B 23 7.77 -4.78 -19.85
C GLY B 23 7.08 -3.53 -19.34
N THR B 24 7.58 -2.37 -19.76
CA THR B 24 6.96 -1.07 -19.46
C THR B 24 6.19 -0.47 -20.66
N ARG B 25 6.05 -1.23 -21.76
CA ARG B 25 5.51 -0.63 -23.00
C ARG B 25 4.07 -0.07 -22.89
N LEU B 26 3.22 -0.70 -22.09
CA LEU B 26 1.83 -0.23 -21.87
C LEU B 26 1.59 0.47 -20.52
N HIS B 27 2.66 0.81 -19.78
CA HIS B 27 2.54 1.61 -18.56
C HIS B 27 2.01 3.02 -18.94
N PRO B 28 1.17 3.65 -18.12
CA PRO B 28 0.80 3.23 -16.77
C PRO B 28 -0.41 2.29 -16.67
N ALA B 29 -1.05 1.96 -17.80
CA ALA B 29 -2.21 1.06 -17.77
C ALA B 29 -1.88 -0.28 -17.11
N THR B 30 -0.69 -0.81 -17.39
CA THR B 30 -0.27 -2.11 -16.86
C THR B 30 0.68 -2.01 -15.68
N LEU B 31 0.81 -0.82 -15.08
CA LEU B 31 1.65 -0.64 -13.90
C LEU B 31 1.16 -1.52 -12.74
N ALA B 32 -0.15 -1.53 -12.49
CA ALA B 32 -0.72 -2.19 -11.33
C ALA B 32 -0.94 -3.69 -11.48
N ILE B 33 -1.00 -4.19 -12.72
CA ILE B 33 -1.49 -5.54 -13.01
C ILE B 33 -1.06 -6.00 -14.40
N SER B 34 -0.79 -7.30 -14.54
CA SER B 34 -0.39 -7.88 -15.81
C SER B 34 -1.45 -7.69 -16.88
N LYS B 35 -1.00 -7.40 -18.09
CA LYS B 35 -1.86 -7.26 -19.26
C LYS B 35 -2.85 -8.42 -19.42
N GLN B 36 -2.43 -9.66 -19.12
CA GLN B 36 -3.27 -10.84 -19.39
C GLN B 36 -4.37 -11.08 -18.33
N LEU B 37 -4.35 -10.34 -17.22
CA LEU B 37 -5.44 -10.37 -16.22
C LEU B 37 -6.48 -9.30 -16.47
N LEU B 38 -6.19 -8.36 -17.39
CA LEU B 38 -7.15 -7.34 -17.79
C LEU B 38 -8.16 -7.87 -18.80
N PRO B 39 -9.34 -7.25 -18.86
CA PRO B 39 -10.38 -7.74 -19.78
C PRO B 39 -10.26 -7.36 -21.24
N VAL B 40 -10.68 -8.28 -22.11
CA VAL B 40 -11.04 -7.95 -23.47
C VAL B 40 -12.55 -8.08 -23.50
N TYR B 41 -13.20 -6.91 -23.56
CA TYR B 41 -14.65 -6.76 -23.44
C TYR B 41 -15.26 -7.22 -22.11
N ASP B 42 -15.55 -8.51 -21.96
CA ASP B 42 -16.32 -9.04 -20.82
C ASP B 42 -15.65 -10.16 -20.01
N LYS B 43 -14.41 -10.51 -20.33
CA LYS B 43 -13.75 -11.61 -19.64
C LYS B 43 -12.23 -11.39 -19.63
N PRO B 44 -11.54 -11.96 -18.62
CA PRO B 44 -10.09 -11.74 -18.53
C PRO B 44 -9.39 -12.19 -19.79
N MET B 45 -8.36 -11.47 -20.22
CA MET B 45 -7.66 -11.77 -21.47
C MET B 45 -7.21 -13.24 -21.56
N ILE B 46 -6.78 -13.80 -20.43
CA ILE B 46 -6.29 -15.18 -20.37
C ILE B 46 -7.36 -16.23 -20.70
N TYR B 47 -8.64 -15.89 -20.54
CA TYR B 47 -9.70 -16.82 -20.95
C TYR B 47 -9.59 -17.21 -22.43
N TYR B 48 -9.06 -16.31 -23.25
CA TYR B 48 -9.03 -16.49 -24.71
C TYR B 48 -8.00 -17.57 -25.13
N PRO B 49 -6.72 -17.41 -24.75
CA PRO B 49 -5.79 -18.51 -25.05
C PRO B 49 -6.08 -19.79 -24.29
N LEU B 50 -6.66 -19.70 -23.09
CA LEU B 50 -7.06 -20.89 -22.36
C LEU B 50 -8.09 -21.65 -23.17
N SER B 51 -9.09 -20.93 -23.66
CA SER B 51 -10.13 -21.51 -24.51
C SER B 51 -9.57 -22.14 -25.79
N THR B 52 -8.57 -21.50 -26.37
CA THR B 52 -7.84 -22.04 -27.53
C THR B 52 -7.24 -23.43 -27.23
N LEU B 53 -6.55 -23.56 -26.10
CA LEU B 53 -6.02 -24.88 -25.70
C LEU B 53 -7.12 -25.91 -25.44
N MET B 54 -8.19 -25.48 -24.77
CA MET B 54 -9.35 -26.33 -24.53
C MET B 54 -9.99 -26.80 -25.86
N LEU B 55 -10.08 -25.91 -26.84
CA LEU B 55 -10.64 -26.27 -28.16
CA LEU B 55 -10.62 -26.26 -28.16
C LEU B 55 -9.74 -27.29 -28.87
N ALA B 56 -8.43 -27.22 -28.62
CA ALA B 56 -7.48 -28.23 -29.12
C ALA B 56 -7.56 -29.56 -28.36
N GLY B 57 -8.42 -29.65 -27.33
CA GLY B 57 -8.62 -30.87 -26.55
C GLY B 57 -7.67 -31.04 -25.39
N ILE B 58 -6.90 -29.98 -25.07
CA ILE B 58 -5.91 -30.02 -24.02
C ILE B 58 -6.53 -29.65 -22.66
N ARG B 59 -6.36 -30.55 -21.69
CA ARG B 59 -6.92 -30.41 -20.33
C ARG B 59 -5.85 -30.16 -19.25
N GLU B 60 -4.61 -30.58 -19.50
CA GLU B 60 -3.52 -30.46 -18.53
C GLU B 60 -2.69 -29.28 -18.99
N ILE B 61 -2.71 -28.20 -18.21
CA ILE B 61 -2.19 -26.91 -18.66
C ILE B 61 -1.36 -26.23 -17.56
N LEU B 62 -0.18 -25.76 -17.94
CA LEU B 62 0.72 -24.95 -17.11
C LEU B 62 0.60 -23.47 -17.45
N ILE B 63 0.31 -22.65 -16.44
CA ILE B 63 0.21 -21.22 -16.61
C ILE B 63 1.47 -20.59 -16.05
N ILE B 64 2.22 -19.92 -16.91
CA ILE B 64 3.46 -19.25 -16.54
C ILE B 64 3.24 -17.74 -16.49
N SER B 65 3.53 -17.12 -15.35
CA SER B 65 3.38 -15.68 -15.21
C SER B 65 4.56 -15.07 -14.45
N THR B 66 4.50 -13.75 -14.21
CA THR B 66 5.53 -13.08 -13.39
C THR B 66 5.37 -13.55 -11.94
N PRO B 67 6.45 -13.44 -11.15
CA PRO B 67 6.34 -13.81 -9.73
C PRO B 67 5.23 -13.05 -8.98
N GLN B 68 5.09 -11.76 -9.27
CA GLN B 68 4.08 -10.94 -8.59
C GLN B 68 2.65 -11.38 -8.89
N ASP B 69 2.35 -11.76 -10.14
CA ASP B 69 0.97 -11.99 -10.55
C ASP B 69 0.50 -13.46 -10.55
N THR B 70 1.39 -14.39 -10.25
CA THR B 70 1.00 -15.81 -10.15
C THR B 70 -0.12 -16.09 -9.11
N PRO B 71 -0.06 -15.49 -7.90
CA PRO B 71 -1.20 -15.64 -6.98
C PRO B 71 -2.53 -15.20 -7.55
N ARG B 72 -2.50 -14.15 -8.37
CA ARG B 72 -3.70 -13.63 -9.02
C ARG B 72 -4.21 -14.61 -10.08
N PHE B 73 -3.31 -15.14 -10.93
CA PHE B 73 -3.71 -16.20 -11.88
C PHE B 73 -4.26 -17.44 -11.15
N GLN B 74 -3.60 -17.80 -10.04
CA GLN B 74 -4.02 -18.92 -9.19
C GLN B 74 -5.38 -18.71 -8.55
N GLN B 75 -5.55 -17.52 -7.97
CA GLN B 75 -6.83 -17.11 -7.38
C GLN B 75 -7.95 -17.11 -8.43
N LEU B 76 -7.65 -16.65 -9.64
CA LEU B 76 -8.63 -16.56 -10.72
C LEU B 76 -9.08 -17.94 -11.24
N LEU B 77 -8.14 -18.80 -11.53
CA LEU B 77 -8.41 -20.05 -12.25
C LEU B 77 -8.40 -21.32 -11.36
N GLY B 78 -7.83 -21.24 -10.16
CA GLY B 78 -7.74 -22.40 -9.27
C GLY B 78 -6.95 -23.57 -9.86
N ASP B 79 -7.26 -24.78 -9.43
CA ASP B 79 -6.63 -25.99 -9.99
C ASP B 79 -7.31 -26.47 -11.29
N GLY B 80 -8.37 -25.79 -11.71
CA GLY B 80 -9.07 -26.09 -12.95
C GLY B 80 -10.15 -27.15 -12.87
N SER B 81 -10.27 -27.82 -11.72
CA SER B 81 -11.20 -28.95 -11.57
C SER B 81 -12.66 -28.55 -11.73
N ASN B 82 -13.00 -27.29 -11.41
CA ASN B 82 -14.34 -26.77 -11.68
C ASN B 82 -14.73 -26.77 -13.17
N TRP B 83 -13.73 -26.69 -14.06
CA TRP B 83 -13.93 -26.71 -15.51
C TRP B 83 -13.44 -27.99 -16.17
N GLY B 84 -13.24 -29.06 -15.39
CA GLY B 84 -12.71 -30.32 -15.91
C GLY B 84 -11.27 -30.28 -16.41
N LEU B 85 -10.51 -29.31 -15.93
CA LEU B 85 -9.09 -29.15 -16.27
C LEU B 85 -8.18 -29.48 -15.09
N ASP B 86 -6.89 -29.60 -15.39
CA ASP B 86 -5.85 -29.87 -14.40
C ASP B 86 -4.81 -28.79 -14.61
N LEU B 87 -4.94 -27.70 -13.87
CA LEU B 87 -4.06 -26.54 -14.04
C LEU B 87 -2.92 -26.57 -13.04
N GLN B 88 -1.74 -26.19 -13.51
CA GLN B 88 -0.55 -25.99 -12.68
C GLN B 88 0.03 -24.62 -13.00
N TYR B 89 0.89 -24.13 -12.11
CA TYR B 89 1.44 -22.78 -12.23
C TYR B 89 2.94 -22.76 -12.07
N ALA B 90 3.59 -21.87 -12.81
CA ALA B 90 5.03 -21.63 -12.70
C ALA B 90 5.32 -20.17 -12.97
N VAL B 91 6.54 -19.77 -12.64
CA VAL B 91 6.95 -18.39 -12.68
C VAL B 91 8.06 -18.18 -13.71
N GLN B 92 8.00 -17.05 -14.41
CA GLN B 92 9.10 -16.55 -15.25
C GLN B 92 9.63 -15.30 -14.56
N PRO B 93 10.77 -15.41 -13.84
CA PRO B 93 11.30 -14.26 -13.09
C PRO B 93 11.64 -13.02 -13.94
N SER B 94 12.20 -13.23 -15.13
CA SER B 94 12.58 -12.15 -16.04
C SER B 94 12.10 -12.48 -17.46
N PRO B 95 11.67 -11.47 -18.24
CA PRO B 95 11.21 -11.73 -19.60
C PRO B 95 12.37 -11.97 -20.58
N ASP B 96 13.00 -13.14 -20.46
CA ASP B 96 14.19 -13.47 -21.23
C ASP B 96 13.92 -14.42 -22.40
N GLY B 97 12.69 -14.43 -22.91
CA GLY B 97 12.36 -15.06 -24.17
C GLY B 97 11.29 -16.11 -24.05
N LEU B 98 10.49 -16.24 -25.10
CA LEU B 98 9.37 -17.18 -25.10
C LEU B 98 9.80 -18.65 -24.97
N ALA B 99 10.97 -18.99 -25.51
CA ALA B 99 11.51 -20.34 -25.40
C ALA B 99 11.83 -20.79 -23.98
N GLN B 100 11.99 -19.83 -23.05
CA GLN B 100 12.11 -20.16 -21.63
C GLN B 100 10.93 -20.98 -21.10
N ALA B 101 9.75 -20.86 -21.72
CA ALA B 101 8.59 -21.70 -21.40
C ALA B 101 8.94 -23.17 -21.30
N PHE B 102 9.77 -23.65 -22.22
CA PHE B 102 10.12 -25.07 -22.25
C PHE B 102 11.14 -25.52 -21.22
N LEU B 103 11.93 -24.58 -20.71
CA LEU B 103 12.86 -24.85 -19.60
C LEU B 103 12.07 -24.78 -18.29
N ILE B 104 11.32 -23.71 -18.11
CA ILE B 104 10.43 -23.57 -16.93
C ILE B 104 9.48 -24.76 -16.88
N GLY B 105 8.94 -25.15 -18.03
CA GLY B 105 7.96 -26.24 -18.11
C GLY B 105 8.51 -27.64 -18.38
N GLU B 106 9.82 -27.83 -18.27
CA GLU B 106 10.44 -29.12 -18.58
C GLU B 106 9.87 -30.26 -17.74
N SER B 107 9.85 -30.11 -16.41
CA SER B 107 9.28 -31.16 -15.56
C SER B 107 7.79 -31.39 -15.81
N PHE B 108 7.05 -30.31 -16.07
CA PHE B 108 5.61 -30.40 -16.43
C PHE B 108 5.39 -31.22 -17.71
N ILE B 109 6.18 -30.93 -18.74
CA ILE B 109 6.04 -31.60 -20.03
C ILE B 109 6.42 -33.08 -19.92
N GLY B 110 7.53 -33.36 -19.26
CA GLY B 110 7.99 -34.75 -19.12
C GLY B 110 8.26 -35.33 -20.51
N ASN B 111 7.71 -36.52 -20.77
CA ASN B 111 7.91 -37.19 -22.06
C ASN B 111 6.73 -37.04 -23.01
N ASP B 112 5.87 -36.04 -22.78
CA ASP B 112 4.67 -35.85 -23.59
C ASP B 112 4.87 -34.87 -24.74
N LEU B 113 3.87 -34.84 -25.62
CA LEU B 113 3.75 -33.81 -26.64
C LEU B 113 3.33 -32.51 -25.95
N SER B 114 3.51 -31.37 -26.62
CA SER B 114 3.14 -30.10 -26.01
C SER B 114 2.58 -29.10 -26.99
N ALA B 115 1.93 -28.07 -26.42
CA ALA B 115 1.50 -26.92 -27.18
C ALA B 115 1.72 -25.71 -26.30
N LEU B 116 2.23 -24.63 -26.92
CA LEU B 116 2.42 -23.35 -26.26
C LEU B 116 1.51 -22.32 -26.90
N VAL B 117 0.82 -21.54 -26.06
CA VAL B 117 0.07 -20.40 -26.56
C VAL B 117 0.48 -19.17 -25.76
N LEU B 118 0.55 -18.03 -26.41
CA LEU B 118 0.86 -16.78 -25.70
C LEU B 118 -0.41 -16.28 -25.00
N GLY B 119 -0.22 -15.77 -23.79
CA GLY B 119 -1.34 -15.36 -22.95
C GLY B 119 -2.12 -14.16 -23.42
N ASP B 120 -1.59 -13.45 -24.42
CA ASP B 120 -2.25 -12.28 -25.01
C ASP B 120 -2.69 -12.49 -26.47
N ASN B 121 -2.82 -13.74 -26.88
CA ASN B 121 -3.19 -14.07 -28.27
C ASN B 121 -4.67 -14.43 -28.35
N LEU B 122 -5.39 -13.73 -29.22
CA LEU B 122 -6.83 -13.94 -29.40
C LEU B 122 -7.08 -14.43 -30.82
N TYR B 123 -7.82 -15.53 -30.93
CA TYR B 123 -8.20 -16.09 -32.23
C TYR B 123 -9.71 -16.18 -32.33
N TYR B 124 -10.22 -15.96 -33.53
CA TYR B 124 -11.64 -16.15 -33.84
C TYR B 124 -11.79 -16.72 -35.25
N GLY B 125 -12.66 -17.72 -35.40
CA GLY B 125 -13.11 -18.11 -36.74
C GLY B 125 -13.71 -19.49 -36.84
N HIS B 126 -14.17 -19.81 -38.04
CA HIS B 126 -14.93 -21.03 -38.27
C HIS B 126 -13.97 -22.22 -38.40
N ASP B 127 -14.33 -23.32 -37.74
CA ASP B 127 -13.59 -24.59 -37.84
C ASP B 127 -12.18 -24.47 -37.26
N PHE B 128 -12.05 -23.61 -36.24
CA PHE B 128 -10.79 -23.43 -35.54
C PHE B 128 -10.47 -24.72 -34.79
N HIS B 129 -11.52 -25.38 -34.28
CA HIS B 129 -11.41 -26.71 -33.66
C HIS B 129 -10.77 -27.73 -34.59
N GLU B 130 -11.17 -27.72 -35.86
CA GLU B 130 -10.61 -28.63 -36.88
C GLU B 130 -9.18 -28.22 -37.26
N LEU B 131 -8.95 -26.92 -37.40
CA LEU B 131 -7.61 -26.38 -37.65
C LEU B 131 -6.60 -26.79 -36.55
N LEU B 132 -7.04 -26.78 -35.29
CA LEU B 132 -6.19 -27.20 -34.17
C LEU B 132 -6.12 -28.72 -34.04
N GLY B 133 -7.24 -29.41 -34.28
CA GLY B 133 -7.26 -30.88 -34.31
C GLY B 133 -6.20 -31.51 -35.19
N SER B 134 -6.04 -30.98 -36.40
CA SER B 134 -5.03 -31.45 -37.37
C SER B 134 -3.60 -31.31 -36.86
N ALA B 135 -3.28 -30.13 -36.34
CA ALA B 135 -1.97 -29.88 -35.76
C ALA B 135 -1.73 -30.74 -34.51
N SER B 136 -2.76 -30.92 -33.68
CA SER B 136 -2.61 -31.70 -32.46
C SER B 136 -2.42 -33.19 -32.73
N GLN B 137 -2.97 -33.68 -33.85
CA GLN B 137 -2.87 -35.09 -34.23
C GLN B 137 -1.48 -35.55 -34.64
N ARG B 138 -0.65 -34.63 -35.15
CA ARG B 138 0.72 -34.97 -35.53
C ARG B 138 1.53 -35.41 -34.31
N GLN B 139 1.99 -36.66 -34.34
CA GLN B 139 2.75 -37.23 -33.22
C GLN B 139 4.24 -36.86 -33.30
N THR B 140 4.69 -36.37 -34.47
CA THR B 140 6.08 -36.01 -34.71
C THR B 140 6.13 -34.64 -35.37
N GLY B 141 7.26 -33.96 -35.20
CA GLY B 141 7.48 -32.65 -35.76
C GLY B 141 6.81 -31.54 -34.95
N ALA B 142 6.84 -30.35 -35.52
CA ALA B 142 6.22 -29.17 -34.93
C ALA B 142 5.26 -28.57 -35.93
N SER B 143 4.22 -27.91 -35.41
CA SER B 143 3.27 -27.20 -36.27
C SER B 143 3.13 -25.76 -35.77
N VAL B 144 3.19 -24.81 -36.71
CA VAL B 144 2.90 -23.41 -36.43
C VAL B 144 1.93 -22.89 -37.50
N PHE B 145 1.39 -21.71 -37.24
CA PHE B 145 0.44 -21.07 -38.17
C PHE B 145 1.02 -19.75 -38.65
N ALA B 146 0.92 -19.49 -39.96
CA ALA B 146 1.32 -18.22 -40.54
C ALA B 146 0.08 -17.43 -40.95
N TYR B 147 0.12 -16.13 -40.74
CA TYR B 147 -1.02 -15.21 -40.93
C TYR B 147 -0.52 -13.94 -41.58
N HIS B 148 -1.23 -13.50 -42.64
CA HIS B 148 -0.89 -12.31 -43.38
C HIS B 148 -1.22 -11.06 -42.53
N VAL B 149 -0.23 -10.22 -42.31
CA VAL B 149 -0.38 -9.00 -41.50
C VAL B 149 0.17 -7.79 -42.23
N LEU B 150 -0.29 -6.60 -41.80
CA LEU B 150 0.22 -5.34 -42.32
C LEU B 150 1.67 -5.06 -41.91
N ASP B 151 2.07 -5.56 -40.73
CA ASP B 151 3.31 -5.12 -40.08
C ASP B 151 4.17 -6.32 -39.67
N PRO B 152 4.65 -7.09 -40.66
CA PRO B 152 5.35 -8.34 -40.34
C PRO B 152 6.64 -8.15 -39.50
N GLU B 153 7.29 -7.00 -39.67
CA GLU B 153 8.51 -6.64 -38.92
C GLU B 153 8.41 -6.76 -37.38
N ARG B 154 7.19 -6.76 -36.84
CA ARG B 154 7.00 -7.01 -35.39
C ARG B 154 7.11 -8.47 -34.96
N TYR B 155 7.15 -9.42 -35.90
CA TYR B 155 6.94 -10.84 -35.62
C TYR B 155 8.05 -11.72 -36.19
N GLY B 156 7.95 -13.03 -35.91
CA GLY B 156 8.68 -14.04 -36.66
C GLY B 156 8.04 -14.08 -38.04
N VAL B 157 8.85 -13.98 -39.09
CA VAL B 157 8.37 -13.89 -40.46
C VAL B 157 8.76 -15.13 -41.26
N VAL B 158 7.81 -15.70 -41.99
CA VAL B 158 8.06 -16.89 -42.81
C VAL B 158 8.23 -16.52 -44.27
N GLU B 159 9.29 -17.04 -44.90
CA GLU B 159 9.50 -16.88 -46.35
C GLU B 159 9.13 -18.20 -47.01
N PHE B 160 8.42 -18.12 -48.13
CA PHE B 160 8.04 -19.28 -48.92
C PHE B 160 8.68 -19.22 -50.30
N ASP B 161 8.96 -20.40 -50.87
CA ASP B 161 9.38 -20.50 -52.27
C ASP B 161 8.14 -20.47 -53.19
N GLN B 162 8.35 -20.57 -54.50
CA GLN B 162 7.23 -20.50 -55.47
C GLN B 162 6.23 -21.66 -55.39
N GLY B 163 6.66 -22.81 -54.88
CA GLY B 163 5.78 -23.95 -54.62
C GLY B 163 4.96 -23.85 -53.35
N GLY B 164 5.22 -22.82 -52.54
CA GLY B 164 4.51 -22.60 -51.29
C GLY B 164 5.11 -23.33 -50.11
N LYS B 165 6.39 -23.71 -50.19
CA LYS B 165 7.09 -24.37 -49.08
C LYS B 165 7.80 -23.33 -48.23
N ALA B 166 7.67 -23.43 -46.90
CA ALA B 166 8.42 -22.57 -45.99
C ALA B 166 9.92 -22.87 -46.09
N ILE B 167 10.72 -21.85 -46.42
CA ILE B 167 12.16 -22.02 -46.56
C ILE B 167 13.02 -21.20 -45.58
N SER B 168 12.46 -20.17 -44.94
CA SER B 168 13.21 -19.47 -43.88
C SER B 168 12.29 -18.80 -42.86
N LEU B 169 12.88 -18.50 -41.70
CA LEU B 169 12.20 -17.82 -40.60
C LEU B 169 13.15 -16.78 -40.06
N GLU B 170 12.68 -15.54 -39.91
CA GLU B 170 13.48 -14.49 -39.31
C GLU B 170 12.67 -13.80 -38.23
N GLU B 171 13.30 -13.54 -37.09
CA GLU B 171 12.68 -12.81 -35.99
C GLU B 171 12.85 -11.30 -36.15
N LYS B 172 11.72 -10.59 -36.26
CA LYS B 172 11.67 -9.13 -36.39
C LYS B 172 12.67 -8.55 -37.40
N PRO B 173 12.57 -9.00 -38.66
CA PRO B 173 13.50 -8.52 -39.68
C PRO B 173 13.27 -7.06 -40.05
N LEU B 174 14.36 -6.34 -40.33
CA LEU B 174 14.28 -4.97 -40.83
C LEU B 174 13.75 -4.91 -42.26
N GLU B 175 13.98 -5.98 -43.01
CA GLU B 175 13.48 -6.12 -44.37
C GLU B 175 12.73 -7.46 -44.52
N PRO B 176 11.47 -7.51 -44.06
CA PRO B 176 10.72 -8.78 -44.09
C PRO B 176 10.61 -9.35 -45.50
N LYS B 177 10.80 -10.67 -45.61
CA LYS B 177 10.74 -11.36 -46.90
C LYS B 177 9.31 -11.66 -47.35
N SER B 178 8.36 -11.56 -46.44
CA SER B 178 6.95 -11.69 -46.79
C SER B 178 6.13 -10.95 -45.74
N ASN B 179 4.82 -10.92 -45.95
CA ASN B 179 3.88 -10.39 -44.94
C ASN B 179 3.27 -11.46 -44.04
N TYR B 180 3.83 -12.68 -44.03
CA TYR B 180 3.32 -13.78 -43.21
C TYR B 180 4.05 -13.89 -41.87
N ALA B 181 3.30 -13.64 -40.79
CA ALA B 181 3.81 -13.69 -39.43
C ALA B 181 3.45 -15.02 -38.79
N VAL B 182 4.35 -15.56 -37.98
CA VAL B 182 4.04 -16.74 -37.20
C VAL B 182 3.15 -16.32 -36.01
N THR B 183 2.01 -16.98 -35.85
CA THR B 183 1.07 -16.65 -34.75
C THR B 183 1.58 -17.23 -33.43
N GLY B 184 0.95 -16.83 -32.32
CA GLY B 184 1.42 -17.24 -30.99
C GLY B 184 0.82 -18.55 -30.50
N LEU B 185 0.71 -19.55 -31.40
CA LEU B 185 0.26 -20.90 -31.06
C LEU B 185 1.19 -21.89 -31.74
N TYR B 186 1.78 -22.77 -30.94
CA TYR B 186 2.85 -23.64 -31.38
C TYR B 186 2.58 -25.05 -30.86
N PHE B 187 2.69 -26.06 -31.73
CA PHE B 187 2.51 -27.44 -31.35
C PHE B 187 3.85 -28.16 -31.52
N TYR B 188 4.27 -28.89 -30.48
CA TYR B 188 5.58 -29.56 -30.48
C TYR B 188 5.51 -31.01 -30.10
N ASP B 189 6.45 -31.77 -30.67
CA ASP B 189 6.65 -33.15 -30.30
C ASP B 189 7.57 -33.23 -29.09
N GLN B 190 8.07 -34.45 -28.82
CA GLN B 190 8.94 -34.72 -27.68
C GLN B 190 10.37 -34.15 -27.77
N GLN B 191 10.73 -33.50 -28.88
CA GLN B 191 12.06 -32.95 -29.08
C GLN B 191 12.27 -31.54 -28.56
N VAL B 192 11.19 -30.83 -28.25
CA VAL B 192 11.31 -29.39 -28.01
C VAL B 192 12.10 -29.00 -26.76
N VAL B 193 11.95 -29.75 -25.67
CA VAL B 193 12.70 -29.46 -24.45
C VAL B 193 14.20 -29.50 -24.74
N ASP B 194 14.65 -30.57 -25.37
CA ASP B 194 16.08 -30.74 -25.72
C ASP B 194 16.60 -29.67 -26.69
N ILE B 195 15.78 -29.24 -27.65
CA ILE B 195 16.12 -28.14 -28.54
C ILE B 195 16.25 -26.83 -27.74
N ALA B 196 15.31 -26.60 -26.82
CA ALA B 196 15.32 -25.40 -26.00
C ALA B 196 16.53 -25.36 -25.06
N ARG B 197 16.88 -26.52 -24.50
CA ARG B 197 18.02 -26.63 -23.59
C ARG B 197 19.34 -26.28 -24.28
N ASP B 198 19.44 -26.49 -25.59
CA ASP B 198 20.63 -26.12 -26.38
C ASP B 198 20.65 -24.70 -26.97
N LEU B 199 19.56 -23.94 -26.83
CA LEU B 199 19.53 -22.57 -27.33
C LEU B 199 20.52 -21.66 -26.62
N LYS B 200 21.11 -20.74 -27.37
CA LYS B 200 21.89 -19.65 -26.82
C LYS B 200 21.08 -18.35 -26.94
N PRO B 201 21.29 -17.39 -26.01
CA PRO B 201 20.58 -16.10 -26.16
C PRO B 201 20.94 -15.35 -27.45
N SER B 202 19.95 -14.66 -28.01
CA SER B 202 20.13 -13.89 -29.25
C SER B 202 20.88 -12.58 -28.94
N PRO B 203 21.19 -11.76 -29.98
CA PRO B 203 21.79 -10.43 -29.73
C PRO B 203 20.97 -9.49 -28.83
N ARG B 204 19.65 -9.64 -28.82
CA ARG B 204 18.77 -8.90 -27.88
C ARG B 204 18.59 -9.59 -26.51
N GLY B 205 19.37 -10.65 -26.25
CA GLY B 205 19.45 -11.29 -24.94
C GLY B 205 18.32 -12.24 -24.59
N GLU B 206 17.62 -12.78 -25.59
CA GLU B 206 16.47 -13.66 -25.35
C GLU B 206 16.65 -15.05 -25.94
N LEU B 207 16.01 -16.03 -25.30
CA LEU B 207 15.87 -17.37 -25.85
C LEU B 207 14.65 -17.35 -26.80
N GLU B 208 14.93 -17.43 -28.10
CA GLU B 208 13.96 -17.14 -29.15
C GLU B 208 13.16 -18.37 -29.57
N ILE B 209 11.83 -18.27 -29.54
CA ILE B 209 10.98 -19.35 -30.06
C ILE B 209 11.22 -19.55 -31.57
N THR B 210 11.58 -18.49 -32.27
CA THR B 210 11.92 -18.60 -33.70
C THR B 210 13.15 -19.50 -33.93
N ASP B 211 14.13 -19.46 -33.02
CA ASP B 211 15.27 -20.41 -33.07
C ASP B 211 14.81 -21.85 -32.86
N VAL B 212 13.84 -22.06 -31.95
CA VAL B 212 13.23 -23.38 -31.78
C VAL B 212 12.59 -23.82 -33.09
N ASN B 213 11.80 -22.93 -33.68
CA ASN B 213 11.09 -23.25 -34.91
C ASN B 213 12.03 -23.49 -36.08
N ARG B 214 13.09 -22.70 -36.16
CA ARG B 214 14.12 -22.88 -37.20
C ARG B 214 14.85 -24.22 -37.05
N ALA B 215 15.08 -24.67 -35.81
CA ALA B 215 15.68 -25.97 -35.58
C ALA B 215 14.83 -27.11 -36.18
N TYR B 216 13.51 -27.01 -36.03
CA TYR B 216 12.61 -27.95 -36.69
C TYR B 216 12.61 -27.78 -38.22
N LEU B 217 12.66 -26.54 -38.69
CA LEU B 217 12.68 -26.25 -40.12
C LEU B 217 13.90 -26.88 -40.79
N GLU B 218 15.07 -26.72 -40.17
CA GLU B 218 16.34 -27.27 -40.69
C GLU B 218 16.31 -28.79 -40.91
N ARG B 219 15.57 -29.50 -40.06
CA ARG B 219 15.40 -30.95 -40.18
C ARG B 219 14.18 -31.36 -41.01
N GLY B 220 13.53 -30.40 -41.68
CA GLY B 220 12.34 -30.67 -42.46
C GLY B 220 11.14 -31.13 -41.66
N GLN B 221 11.09 -30.73 -40.37
CA GLN B 221 10.07 -31.21 -39.44
C GLN B 221 9.13 -30.10 -38.95
N LEU B 222 9.14 -28.95 -39.63
CA LEU B 222 8.22 -27.85 -39.31
C LEU B 222 7.10 -27.78 -40.33
N SER B 223 5.88 -27.98 -39.85
CA SER B 223 4.68 -27.77 -40.64
C SER B 223 4.25 -26.32 -40.44
N VAL B 224 4.26 -25.52 -41.51
CA VAL B 224 3.73 -24.15 -41.46
C VAL B 224 2.38 -24.18 -42.17
N GLU B 225 1.29 -24.15 -41.40
CA GLU B 225 -0.07 -24.09 -41.96
C GLU B 225 -0.45 -22.59 -42.11
N ILE B 226 -1.11 -22.24 -43.22
CA ILE B 226 -1.64 -20.88 -43.36
C ILE B 226 -2.92 -20.79 -42.55
N MET B 227 -3.01 -19.77 -41.69
CA MET B 227 -4.24 -19.35 -41.06
C MET B 227 -4.81 -18.28 -41.97
N GLY B 228 -5.88 -18.61 -42.66
CA GLY B 228 -6.39 -17.76 -43.70
C GLY B 228 -7.01 -16.46 -43.21
N ARG B 229 -7.22 -15.57 -44.16
CA ARG B 229 -7.82 -14.26 -43.93
C ARG B 229 -9.24 -14.28 -43.34
N GLY B 230 -9.94 -15.42 -43.45
CA GLY B 230 -11.22 -15.62 -42.80
C GLY B 230 -11.19 -15.86 -41.31
N TYR B 231 -9.98 -16.00 -40.76
CA TYR B 231 -9.78 -16.03 -39.31
C TYR B 231 -9.28 -14.66 -38.87
N ALA B 232 -9.65 -14.30 -37.64
CA ALA B 232 -9.12 -13.11 -37.00
C ALA B 232 -8.09 -13.52 -35.96
N TRP B 233 -6.87 -13.03 -36.13
CA TRP B 233 -5.85 -13.08 -35.09
C TRP B 233 -5.73 -11.61 -34.65
N LEU B 234 -6.30 -11.29 -33.49
CA LEU B 234 -6.45 -9.89 -33.05
C LEU B 234 -5.21 -9.40 -32.33
N ASP B 235 -4.88 -8.14 -32.59
CA ASP B 235 -3.66 -7.53 -32.08
C ASP B 235 -3.94 -7.00 -30.67
N THR B 236 -3.14 -7.42 -29.68
CA THR B 236 -3.21 -6.90 -28.30
C THR B 236 -1.95 -6.12 -27.85
N GLY B 237 -1.13 -5.70 -28.80
CA GLY B 237 0.18 -5.13 -28.50
C GLY B 237 0.20 -3.67 -28.11
N THR B 238 -0.86 -2.93 -28.41
CA THR B 238 -0.92 -1.49 -28.16
C THR B 238 -2.25 -1.16 -27.50
N HIS B 239 -2.33 0.02 -26.90
CA HIS B 239 -3.60 0.49 -26.33
C HIS B 239 -4.66 0.54 -27.42
N ASP B 240 -4.27 1.02 -28.61
CA ASP B 240 -5.18 1.14 -29.76
C ASP B 240 -5.72 -0.21 -30.19
N SER B 241 -4.84 -1.19 -30.34
CA SER B 241 -5.27 -2.50 -30.82
C SER B 241 -6.10 -3.25 -29.76
N LEU B 242 -5.79 -3.03 -28.48
CA LEU B 242 -6.60 -3.51 -27.33
C LEU B 242 -8.06 -3.08 -27.41
N LEU B 243 -8.27 -1.79 -27.67
CA LEU B 243 -9.62 -1.23 -27.85
CA LEU B 243 -9.61 -1.26 -27.82
C LEU B 243 -10.33 -1.96 -28.98
N GLU B 244 -9.65 -2.03 -30.14
CA GLU B 244 -10.19 -2.75 -31.31
C GLU B 244 -10.60 -4.19 -30.99
N ALA B 245 -9.81 -4.90 -30.20
CA ALA B 245 -10.11 -6.29 -29.87
C ALA B 245 -11.40 -6.37 -29.07
N GLY B 246 -11.49 -5.52 -28.04
CA GLY B 246 -12.74 -5.40 -27.26
C GLY B 246 -13.99 -5.14 -28.09
N GLN B 247 -13.89 -4.21 -29.04
CA GLN B 247 -15.04 -3.81 -29.92
CA GLN B 247 -15.01 -3.84 -29.89
C GLN B 247 -15.36 -4.97 -30.86
N PHE B 248 -14.33 -5.70 -31.30
CA PHE B 248 -14.51 -6.88 -32.17
C PHE B 248 -15.29 -7.97 -31.43
N ILE B 249 -14.86 -8.33 -30.22
CA ILE B 249 -15.55 -9.35 -29.41
C ILE B 249 -16.98 -8.89 -29.07
N ALA B 250 -17.14 -7.62 -28.68
CA ALA B 250 -18.48 -7.05 -28.36
C ALA B 250 -19.46 -7.17 -29.54
N THR B 251 -18.99 -6.87 -30.73
CA THR B 251 -19.82 -6.88 -31.94
C THR B 251 -20.30 -8.30 -32.22
N LEU B 252 -19.41 -9.28 -32.14
CA LEU B 252 -19.80 -10.68 -32.36
C LEU B 252 -20.79 -11.16 -31.29
N GLU B 253 -20.49 -10.90 -30.02
CA GLU B 253 -21.30 -11.45 -28.92
C GLU B 253 -22.71 -10.84 -28.87
N ASN B 254 -22.78 -9.55 -29.13
CA ASN B 254 -24.09 -8.85 -29.10
C ASN B 254 -24.93 -9.15 -30.34
N ARG B 255 -24.29 -9.49 -31.44
CA ARG B 255 -24.98 -9.93 -32.67
C ARG B 255 -25.56 -11.32 -32.48
N GLN B 256 -24.73 -12.23 -32.00
CA GLN B 256 -25.07 -13.66 -31.93
C GLN B 256 -25.86 -14.07 -30.70
N GLY B 257 -25.66 -13.37 -29.57
CA GLY B 257 -26.11 -13.88 -28.28
C GLY B 257 -25.33 -15.10 -27.82
N LEU B 258 -24.10 -15.23 -28.33
CA LEU B 258 -23.19 -16.34 -28.03
C LEU B 258 -21.85 -15.73 -27.68
N LYS B 259 -21.13 -16.37 -26.78
CA LYS B 259 -19.84 -15.84 -26.32
C LYS B 259 -18.68 -16.45 -27.08
N VAL B 260 -17.63 -15.65 -27.24
CA VAL B 260 -16.35 -16.11 -27.76
C VAL B 260 -15.49 -16.47 -26.55
N ALA B 261 -14.92 -17.68 -26.57
CA ALA B 261 -13.96 -18.13 -25.54
C ALA B 261 -14.52 -18.11 -24.13
N CYS B 262 -15.71 -18.69 -23.96
CA CYS B 262 -16.27 -18.97 -22.64
C CYS B 262 -15.77 -20.36 -22.20
N PRO B 263 -14.83 -20.41 -21.24
CA PRO B 263 -14.26 -21.73 -20.88
C PRO B 263 -15.28 -22.71 -20.32
N GLU B 264 -16.23 -22.23 -19.53
CA GLU B 264 -17.25 -23.10 -18.95
C GLU B 264 -18.07 -23.78 -20.06
N GLU B 265 -18.41 -23.00 -21.07
CA GLU B 265 -19.15 -23.52 -22.23
C GLU B 265 -18.34 -24.56 -22.99
N ILE B 266 -17.07 -24.26 -23.25
CA ILE B 266 -16.21 -25.18 -23.99
C ILE B 266 -16.02 -26.50 -23.21
N ALA B 267 -15.86 -26.42 -21.89
CA ALA B 267 -15.79 -27.62 -21.06
C ALA B 267 -17.09 -28.42 -21.16
N TYR B 268 -18.23 -27.72 -21.11
CA TYR B 268 -19.54 -28.38 -21.21
C TYR B 268 -19.74 -29.08 -22.56
N ARG B 269 -19.31 -28.44 -23.64
CA ARG B 269 -19.42 -29.04 -24.98
C ARG B 269 -18.43 -30.16 -25.26
N GLN B 270 -17.26 -30.12 -24.62
CA GLN B 270 -16.29 -31.23 -24.64
C GLN B 270 -16.72 -32.40 -23.74
N LYS B 271 -17.77 -32.22 -22.94
CA LYS B 271 -18.24 -33.19 -21.94
C LYS B 271 -17.25 -33.40 -20.79
N TRP B 272 -16.40 -32.39 -20.54
CA TRP B 272 -15.46 -32.43 -19.42
C TRP B 272 -16.15 -32.10 -18.09
N ILE B 273 -17.28 -31.41 -18.16
CA ILE B 273 -18.19 -31.22 -17.01
C ILE B 273 -19.59 -31.56 -17.48
N ASP B 274 -20.45 -31.92 -16.54
CA ASP B 274 -21.85 -32.27 -16.85
C ASP B 274 -22.80 -31.09 -16.54
N ALA B 275 -24.07 -31.28 -16.87
CA ALA B 275 -25.10 -30.24 -16.70
C ALA B 275 -25.23 -29.78 -15.27
N ALA B 276 -25.13 -30.71 -14.33
CA ALA B 276 -25.21 -30.40 -12.90
C ALA B 276 -24.05 -29.52 -12.45
N GLN B 277 -22.84 -29.81 -12.95
CA GLN B 277 -21.67 -28.98 -12.65
C GLN B 277 -21.77 -27.57 -13.27
N LEU B 278 -22.24 -27.49 -14.51
CA LEU B 278 -22.45 -26.19 -15.16
C LEU B 278 -23.47 -25.34 -14.40
N GLU B 279 -24.53 -26.00 -13.91
CA GLU B 279 -25.55 -25.34 -13.10
C GLU B 279 -24.99 -24.72 -11.82
N LYS B 280 -24.08 -25.44 -11.16
CA LYS B 280 -23.37 -24.90 -9.99
C LYS B 280 -22.50 -23.69 -10.35
N LEU B 281 -21.81 -23.76 -11.49
CA LEU B 281 -20.98 -22.65 -11.97
C LEU B 281 -21.78 -21.41 -12.35
N ALA B 282 -23.02 -21.60 -12.79
CA ALA B 282 -23.93 -20.49 -13.13
C ALA B 282 -24.45 -19.71 -11.92
N ALA B 283 -24.44 -20.33 -10.74
CA ALA B 283 -25.03 -19.72 -9.54
C ALA B 283 -24.35 -18.44 -9.02
N PRO B 284 -23.01 -18.44 -8.85
CA PRO B 284 -22.34 -17.22 -8.32
C PRO B 284 -22.63 -15.95 -9.13
N LEU B 285 -22.67 -16.07 -10.46
CA LEU B 285 -22.90 -14.93 -11.35
C LEU B 285 -24.33 -14.85 -11.92
N ALA B 286 -25.29 -15.50 -11.26
CA ALA B 286 -26.70 -15.58 -11.72
C ALA B 286 -27.38 -14.23 -11.97
N LYS B 287 -26.97 -13.20 -11.22
CA LYS B 287 -27.56 -11.86 -11.34
C LYS B 287 -26.97 -11.02 -12.49
N ASN B 288 -25.88 -11.48 -13.13
CA ASN B 288 -25.31 -10.76 -14.28
C ASN B 288 -25.38 -11.57 -15.58
N GLY B 289 -25.00 -10.92 -16.68
CA GLY B 289 -25.09 -11.52 -18.01
C GLY B 289 -24.32 -12.81 -18.19
N TYR B 290 -23.18 -12.94 -17.52
CA TYR B 290 -22.34 -14.12 -17.69
C TYR B 290 -22.99 -15.37 -17.11
N GLY B 291 -23.51 -15.28 -15.89
CA GLY B 291 -24.21 -16.43 -15.28
C GLY B 291 -25.53 -16.75 -15.95
N GLN B 292 -26.22 -15.72 -16.42
CA GLN B 292 -27.44 -15.89 -17.20
C GLN B 292 -27.14 -16.66 -18.48
N TYR B 293 -26.04 -16.31 -19.14
CA TYR B 293 -25.57 -17.04 -20.31
C TYR B 293 -25.32 -18.51 -20.01
N LEU B 294 -24.61 -18.78 -18.92
CA LEU B 294 -24.30 -20.14 -18.50
C LEU B 294 -25.58 -20.95 -18.21
N LYS B 295 -26.56 -20.33 -17.57
CA LYS B 295 -27.84 -21.00 -17.29
C LYS B 295 -28.56 -21.34 -18.59
N ARG B 296 -28.54 -20.41 -19.56
CA ARG B 296 -29.17 -20.63 -20.88
C ARG B 296 -28.56 -21.81 -21.66
N LEU B 297 -27.25 -22.02 -21.52
CA LEU B 297 -26.57 -23.18 -22.12
C LEU B 297 -27.19 -24.54 -21.73
N LEU B 298 -27.79 -24.64 -20.54
CA LEU B 298 -28.40 -25.89 -20.06
C LEU B 298 -29.65 -26.34 -20.82
N THR B 299 -30.34 -25.41 -21.47
CA THR B 299 -31.64 -25.70 -22.12
C THR B 299 -31.73 -25.35 -23.61
N GLU B 300 -30.67 -24.78 -24.19
CA GLU B 300 -30.68 -24.41 -25.61
C GLU B 300 -29.75 -25.32 -26.41
N THR B 301 -30.22 -25.76 -27.58
CA THR B 301 -29.36 -26.44 -28.54
C THR B 301 -28.71 -25.35 -29.41
N VAL B 302 -27.37 -25.35 -29.43
CA VAL B 302 -26.58 -24.46 -30.29
C VAL B 302 -25.75 -25.34 -31.21
N TYR B 303 -25.90 -25.16 -32.52
CA TYR B 303 -25.18 -25.98 -33.51
C TYR B 303 -23.77 -25.46 -33.79
N HIS C 3 -9.68 -34.77 -7.85
CA HIS C 3 -8.44 -33.93 -7.70
C HIS C 3 -7.16 -34.72 -7.96
N HIS C 4 -6.12 -34.00 -8.38
CA HIS C 4 -4.83 -34.58 -8.76
C HIS C 4 -3.70 -33.87 -8.03
N HIS C 5 -2.68 -34.63 -7.65
CA HIS C 5 -1.51 -34.12 -6.93
C HIS C 5 -0.29 -34.03 -7.86
N HIS C 6 0.55 -33.00 -7.65
CA HIS C 6 1.80 -32.80 -8.41
C HIS C 6 2.94 -32.31 -7.52
N MET C 9 5.32 -35.82 -1.86
CA MET C 9 5.47 -34.36 -1.75
C MET C 9 4.64 -33.78 -0.60
N ALA C 10 5.22 -32.77 0.03
CA ALA C 10 4.64 -32.08 1.18
C ALA C 10 3.63 -31.00 0.79
N MET C 11 2.81 -30.61 1.75
CA MET C 11 1.79 -29.58 1.54
C MET C 11 2.38 -28.19 1.75
N LYS C 12 1.73 -27.23 1.13
CA LYS C 12 2.00 -25.81 1.38
C LYS C 12 1.62 -25.47 2.82
N ARG C 13 2.49 -24.74 3.51
CA ARG C 13 2.10 -24.17 4.81
C ARG C 13 2.00 -22.66 4.64
N LYS C 14 0.85 -22.11 4.99
CA LYS C 14 0.61 -20.68 4.91
C LYS C 14 0.77 -20.10 6.30
N GLY C 15 1.06 -18.81 6.37
CA GLY C 15 1.35 -18.13 7.63
C GLY C 15 0.30 -17.07 7.91
N ILE C 16 0.04 -16.84 9.20
CA ILE C 16 -0.80 -15.75 9.64
C ILE C 16 -0.05 -14.96 10.71
N ILE C 17 0.00 -13.64 10.54
CA ILE C 17 0.49 -12.76 11.59
C ILE C 17 -0.69 -12.00 12.16
N LEU C 18 -0.95 -12.17 13.45
CA LEU C 18 -1.99 -11.41 14.12
C LEU C 18 -1.38 -10.15 14.71
N ALA C 19 -1.68 -9.01 14.09
CA ALA C 19 -1.15 -7.71 14.47
C ALA C 19 -2.33 -6.82 14.84
N GLY C 20 -3.05 -7.26 15.86
CA GLY C 20 -4.30 -6.65 16.30
C GLY C 20 -4.20 -5.44 17.21
N GLY C 21 -2.97 -5.00 17.51
CA GLY C 21 -2.73 -3.77 18.26
C GLY C 21 -2.55 -4.03 19.75
N SER C 22 -2.91 -3.04 20.57
CA SER C 22 -2.80 -3.16 22.02
C SER C 22 -3.88 -2.39 22.80
N GLY C 23 -5.04 -2.18 22.17
CA GLY C 23 -6.10 -1.36 22.77
C GLY C 23 -5.58 0.02 23.13
N THR C 24 -5.85 0.45 24.36
CA THR C 24 -5.34 1.71 24.90
C THR C 24 -4.17 1.50 25.87
N ARG C 25 -3.67 0.26 26.00
CA ARG C 25 -2.72 -0.10 27.05
C ARG C 25 -1.33 0.55 26.94
N LEU C 26 -0.89 0.90 25.73
CA LEU C 26 0.40 1.57 25.53
C LEU C 26 0.23 3.05 25.11
N HIS C 27 -0.98 3.61 25.26
CA HIS C 27 -1.23 5.02 24.96
C HIS C 27 -0.44 5.86 25.97
N PRO C 28 0.04 7.06 25.60
CA PRO C 28 -0.24 7.73 24.33
C PRO C 28 0.71 7.41 23.17
N ALA C 29 1.78 6.64 23.41
CA ALA C 29 2.68 6.21 22.32
C ALA C 29 1.91 5.63 21.13
N THR C 30 0.93 4.79 21.43
CA THR C 30 0.14 4.12 20.40
C THR C 30 -1.09 4.90 19.89
N LEU C 31 -1.32 6.12 20.40
CA LEU C 31 -2.26 7.03 19.73
C LEU C 31 -1.74 7.41 18.34
N ALA C 32 -0.41 7.57 18.23
CA ALA C 32 0.25 7.97 16.99
C ALA C 32 0.33 6.84 15.98
N ILE C 33 0.81 5.66 16.38
CA ILE C 33 0.70 4.48 15.51
C ILE C 33 0.56 3.18 16.29
N SER C 34 -0.08 2.20 15.65
CA SER C 34 -0.25 0.85 16.16
C SER C 34 1.02 0.24 16.72
N LYS C 35 0.85 -0.55 17.78
CA LYS C 35 1.96 -1.18 18.46
C LYS C 35 2.90 -1.89 17.50
N GLN C 36 2.36 -2.68 16.57
CA GLN C 36 3.20 -3.53 15.73
C GLN C 36 3.89 -2.76 14.60
N LEU C 37 3.62 -1.45 14.50
CA LEU C 37 4.43 -0.56 13.67
C LEU C 37 5.48 0.24 14.41
N LEU C 38 5.50 0.19 15.74
CA LEU C 38 6.55 0.81 16.51
C LEU C 38 7.86 0.09 16.27
N PRO C 39 8.97 0.83 16.24
CA PRO C 39 10.25 0.16 16.04
C PRO C 39 10.76 -0.59 17.27
N VAL C 40 11.45 -1.68 17.00
CA VAL C 40 12.33 -2.29 17.97
C VAL C 40 13.74 -2.02 17.44
N TYR C 41 14.39 -1.08 18.12
CA TYR C 41 15.66 -0.49 17.73
C TYR C 41 15.61 0.22 16.37
N ASP C 42 15.79 -0.52 15.29
CA ASP C 42 16.01 0.05 13.97
C ASP C 42 15.01 -0.39 12.91
N LYS C 43 14.02 -1.21 13.27
CA LYS C 43 13.08 -1.71 12.27
C LYS C 43 11.71 -1.91 12.94
N PRO C 44 10.62 -1.78 12.15
CA PRO C 44 9.27 -1.95 12.70
C PRO C 44 9.11 -3.31 13.36
N MET C 45 8.33 -3.34 14.44
CA MET C 45 8.15 -4.56 15.21
C MET C 45 7.71 -5.72 14.33
N ILE C 46 6.80 -5.48 13.38
CA ILE C 46 6.28 -6.57 12.56
C ILE C 46 7.35 -7.31 11.72
N TYR C 47 8.51 -6.66 11.47
CA TYR C 47 9.61 -7.32 10.77
C TYR C 47 10.09 -8.59 11.48
N TYR C 48 9.97 -8.62 12.80
CA TYR C 48 10.50 -9.73 13.60
C TYR C 48 9.64 -11.00 13.42
N PRO C 49 8.32 -10.95 13.70
CA PRO C 49 7.50 -12.15 13.40
C PRO C 49 7.42 -12.51 11.91
N LEU C 50 7.46 -11.51 11.03
CA LEU C 50 7.54 -11.80 9.61
C LEU C 50 8.79 -12.62 9.27
N SER C 51 9.93 -12.20 9.82
CA SER C 51 11.19 -12.90 9.61
C SER C 51 11.13 -14.31 10.20
N THR C 52 10.43 -14.50 11.30
CA THR C 52 10.25 -15.82 11.87
C THR C 52 9.50 -16.77 10.94
N LEU C 53 8.40 -16.32 10.36
CA LEU C 53 7.67 -17.13 9.38
C LEU C 53 8.55 -17.44 8.17
N MET C 54 9.31 -16.43 7.72
CA MET C 54 10.19 -16.61 6.56
C MET C 54 11.28 -17.63 6.85
N LEU C 55 11.81 -17.62 8.07
CA LEU C 55 12.81 -18.62 8.49
CA LEU C 55 12.81 -18.60 8.49
C LEU C 55 12.22 -20.02 8.56
N ALA C 56 10.92 -20.13 8.82
CA ALA C 56 10.22 -21.41 8.75
C ALA C 56 9.92 -21.87 7.30
N GLY C 57 10.32 -21.09 6.30
CA GLY C 57 10.09 -21.39 4.88
C GLY C 57 8.75 -20.96 4.34
N ILE C 58 8.05 -20.09 5.09
CA ILE C 58 6.69 -19.68 4.74
C ILE C 58 6.74 -18.38 3.93
N ARG C 59 6.12 -18.44 2.74
CA ARG C 59 6.10 -17.33 1.77
C ARG C 59 4.73 -16.67 1.59
N GLU C 60 3.66 -17.40 1.87
CA GLU C 60 2.29 -16.92 1.69
C GLU C 60 1.72 -16.60 3.07
N ILE C 61 1.47 -15.32 3.32
CA ILE C 61 1.23 -14.84 4.69
C ILE C 61 0.07 -13.86 4.73
N LEU C 62 -0.85 -14.10 5.65
CA LEU C 62 -1.97 -13.22 5.91
C LEU C 62 -1.69 -12.36 7.13
N ILE C 63 -1.80 -11.05 6.97
CA ILE C 63 -1.65 -10.09 8.06
C ILE C 63 -3.04 -9.63 8.46
N ILE C 64 -3.40 -9.93 9.69
CA ILE C 64 -4.67 -9.54 10.28
C ILE C 64 -4.44 -8.36 11.22
N SER C 65 -5.15 -7.26 10.98
CA SER C 65 -5.04 -6.06 11.81
C SER C 65 -6.36 -5.32 11.85
N THR C 66 -6.44 -4.24 12.60
CA THR C 66 -7.68 -3.43 12.64
C THR C 66 -7.90 -2.79 11.26
N PRO C 67 -9.15 -2.39 10.95
CA PRO C 67 -9.38 -1.61 9.73
C PRO C 67 -8.50 -0.38 9.60
N GLN C 68 -8.27 0.31 10.70
CA GLN C 68 -7.47 1.54 10.72
C GLN C 68 -6.00 1.25 10.45
N ASP C 69 -5.48 0.15 10.99
CA ASP C 69 -4.07 -0.20 10.84
C ASP C 69 -3.72 -0.90 9.52
N THR C 70 -4.68 -1.63 8.97
CA THR C 70 -4.49 -2.37 7.72
C THR C 70 -3.76 -1.56 6.65
N PRO C 71 -4.28 -0.37 6.26
CA PRO C 71 -3.57 0.36 5.20
C PRO C 71 -2.16 0.82 5.57
N ARG C 72 -1.87 0.97 6.87
CA ARG C 72 -0.54 1.38 7.33
C ARG C 72 0.46 0.21 7.17
N PHE C 73 0.03 -1.00 7.55
CA PHE C 73 0.82 -2.22 7.27
C PHE C 73 1.03 -2.42 5.77
N GLN C 74 -0.02 -2.14 5.00
CA GLN C 74 0.07 -2.27 3.55
C GLN C 74 1.06 -1.27 2.97
N GLN C 75 1.10 -0.06 3.51
CA GLN C 75 2.07 0.92 3.03
C GLN C 75 3.49 0.46 3.31
N LEU C 76 3.69 -0.11 4.49
CA LEU C 76 5.01 -0.60 4.87
C LEU C 76 5.48 -1.76 4.01
N LEU C 77 4.62 -2.78 3.87
CA LEU C 77 5.01 -4.10 3.34
C LEU C 77 4.55 -4.42 1.92
N GLY C 78 3.51 -3.75 1.44
CA GLY C 78 2.95 -4.06 0.14
C GLY C 78 2.42 -5.47 0.01
N ASP C 79 2.49 -6.02 -1.19
CA ASP C 79 2.07 -7.38 -1.42
C ASP C 79 3.21 -8.39 -1.20
N GLY C 80 4.38 -7.90 -0.78
CA GLY C 80 5.52 -8.78 -0.48
C GLY C 80 6.34 -9.25 -1.65
N SER C 81 5.92 -8.97 -2.89
CA SER C 81 6.59 -9.55 -4.05
C SER C 81 8.04 -9.06 -4.22
N ASN C 82 8.36 -7.87 -3.71
CA ASN C 82 9.74 -7.37 -3.69
C ASN C 82 10.69 -8.25 -2.85
N TRP C 83 10.13 -8.99 -1.90
CA TRP C 83 10.88 -9.92 -1.03
C TRP C 83 10.61 -11.39 -1.34
N GLY C 84 10.00 -11.67 -2.49
CA GLY C 84 9.62 -13.03 -2.83
C GLY C 84 8.49 -13.64 -2.04
N LEU C 85 7.65 -12.80 -1.43
CA LEU C 85 6.51 -13.24 -0.64
C LEU C 85 5.18 -12.94 -1.33
N ASP C 86 4.13 -13.57 -0.83
CA ASP C 86 2.75 -13.28 -1.23
C ASP C 86 2.00 -12.91 0.05
N LEU C 87 1.95 -11.61 0.33
CA LEU C 87 1.29 -11.05 1.51
C LEU C 87 -0.14 -10.65 1.18
N GLN C 88 -1.06 -11.10 2.01
CA GLN C 88 -2.46 -10.75 1.95
C GLN C 88 -2.86 -10.11 3.26
N TYR C 89 -4.01 -9.43 3.25
CA TYR C 89 -4.47 -8.67 4.40
C TYR C 89 -5.93 -8.94 4.68
N ALA C 90 -6.26 -8.99 5.96
CA ALA C 90 -7.65 -9.12 6.38
C ALA C 90 -7.84 -8.26 7.62
N VAL C 91 -9.06 -7.78 7.82
CA VAL C 91 -9.35 -6.91 8.96
C VAL C 91 -9.93 -7.74 10.11
N GLN C 92 -9.60 -7.33 11.32
CA GLN C 92 -10.24 -7.83 12.53
C GLN C 92 -10.92 -6.62 13.17
N PRO C 93 -12.25 -6.47 12.97
CA PRO C 93 -13.01 -5.31 13.49
C PRO C 93 -13.01 -5.16 15.01
N SER C 94 -13.07 -6.28 15.74
CA SER C 94 -13.15 -6.28 17.20
C SER C 94 -12.09 -7.23 17.76
N PRO C 95 -11.48 -6.87 18.92
CA PRO C 95 -10.49 -7.75 19.53
C PRO C 95 -11.18 -8.92 20.29
N ASP C 96 -11.59 -9.93 19.54
CA ASP C 96 -12.35 -11.08 20.07
C ASP C 96 -11.53 -12.35 20.31
N GLY C 97 -10.19 -12.24 20.26
CA GLY C 97 -9.31 -13.35 20.63
C GLY C 97 -8.41 -13.86 19.50
N LEU C 98 -7.29 -14.45 19.90
CA LEU C 98 -6.29 -14.96 18.95
C LEU C 98 -6.88 -16.00 17.99
N ALA C 99 -7.75 -16.88 18.52
CA ALA C 99 -8.31 -17.98 17.74
C ALA C 99 -9.26 -17.52 16.63
N GLN C 100 -9.81 -16.30 16.76
CA GLN C 100 -10.58 -15.69 15.66
C GLN C 100 -9.78 -15.60 14.34
N ALA C 101 -8.44 -15.55 14.44
CA ALA C 101 -7.57 -15.62 13.27
C ALA C 101 -7.93 -16.74 12.27
N PHE C 102 -8.38 -17.89 12.77
CA PHE C 102 -8.70 -19.03 11.90
C PHE C 102 -10.04 -18.90 11.20
N LEU C 103 -10.97 -18.16 11.80
CA LEU C 103 -12.24 -17.84 11.14
C LEU C 103 -12.04 -16.71 10.15
N ILE C 104 -11.38 -15.63 10.57
CA ILE C 104 -11.03 -14.54 9.66
C ILE C 104 -10.19 -15.08 8.49
N GLY C 105 -9.27 -16.00 8.77
CA GLY C 105 -8.36 -16.56 7.77
C GLY C 105 -8.77 -17.85 7.08
N GLU C 106 -10.03 -18.27 7.28
CA GLU C 106 -10.52 -19.54 6.78
C GLU C 106 -10.35 -19.67 5.27
N SER C 107 -10.83 -18.68 4.52
CA SER C 107 -10.69 -18.75 3.05
C SER C 107 -9.23 -18.72 2.62
N PHE C 108 -8.40 -17.94 3.33
CA PHE C 108 -6.97 -17.89 3.06
C PHE C 108 -6.25 -19.23 3.29
N ILE C 109 -6.56 -19.89 4.40
CA ILE C 109 -5.96 -21.18 4.76
C ILE C 109 -6.39 -22.24 3.74
N GLY C 110 -7.68 -22.27 3.43
CA GLY C 110 -8.25 -23.29 2.56
C GLY C 110 -8.00 -24.67 3.13
N ASN C 111 -7.46 -25.56 2.30
CA ASN C 111 -7.16 -26.93 2.72
C ASN C 111 -5.67 -27.13 3.02
N ASP C 112 -4.97 -26.05 3.37
CA ASP C 112 -3.52 -26.13 3.58
C ASP C 112 -3.15 -26.19 5.05
N LEU C 113 -1.88 -26.49 5.29
CA LEU C 113 -1.27 -26.38 6.61
C LEU C 113 -1.13 -24.90 6.96
N SER C 114 -1.03 -24.58 8.26
CA SER C 114 -0.89 -23.18 8.65
C SER C 114 0.12 -22.98 9.77
N ALA C 115 0.52 -21.73 9.96
CA ALA C 115 1.33 -21.32 11.11
C ALA C 115 0.81 -19.95 11.53
N LEU C 116 0.68 -19.73 12.84
CA LEU C 116 0.18 -18.48 13.37
C LEU C 116 1.28 -17.89 14.26
N VAL C 117 1.58 -16.60 14.09
CA VAL C 117 2.52 -15.90 14.96
C VAL C 117 1.93 -14.60 15.43
N LEU C 118 2.19 -14.22 16.68
CA LEU C 118 1.74 -12.93 17.19
C LEU C 118 2.67 -11.84 16.67
N GLY C 119 2.08 -10.71 16.29
CA GLY C 119 2.81 -9.61 15.68
C GLY C 119 3.81 -8.91 16.57
N ASP C 120 3.78 -9.19 17.86
CA ASP C 120 4.66 -8.55 18.82
C ASP C 120 5.63 -9.54 19.48
N ASN C 121 5.83 -10.69 18.84
CA ASN C 121 6.76 -11.70 19.37
C ASN C 121 8.09 -11.66 18.65
N LEU C 122 9.16 -11.55 19.45
CA LEU C 122 10.52 -11.47 18.94
CA LEU C 122 10.52 -11.47 18.92
C LEU C 122 11.30 -12.66 19.45
N TYR C 123 11.99 -13.36 18.56
CA TYR C 123 12.81 -14.52 18.89
C TYR C 123 14.21 -14.31 18.39
N TYR C 124 15.18 -14.86 19.13
CA TYR C 124 16.59 -14.80 18.71
C TYR C 124 17.30 -16.05 19.19
N GLY C 125 18.12 -16.64 18.32
CA GLY C 125 19.06 -17.67 18.75
C GLY C 125 19.56 -18.60 17.69
N HIS C 126 20.41 -19.53 18.10
CA HIS C 126 21.15 -20.40 17.21
C HIS C 126 20.29 -21.56 16.73
N ASP C 127 20.36 -21.85 15.43
CA ASP C 127 19.65 -22.97 14.83
C ASP C 127 18.12 -22.83 15.02
N PHE C 128 17.64 -21.59 15.13
CA PHE C 128 16.20 -21.35 15.21
C PHE C 128 15.53 -21.90 13.95
N HIS C 129 16.20 -21.73 12.81
CA HIS C 129 15.81 -22.34 11.52
C HIS C 129 15.56 -23.86 11.61
N GLU C 130 16.45 -24.55 12.32
CA GLU C 130 16.32 -25.99 12.55
C GLU C 130 15.20 -26.31 13.54
N LEU C 131 15.06 -25.48 14.58
CA LEU C 131 13.91 -25.61 15.51
C LEU C 131 12.55 -25.47 14.82
N LEU C 132 12.42 -24.50 13.94
CA LEU C 132 11.18 -24.30 13.18
C LEU C 132 10.97 -25.42 12.16
N GLY C 133 12.07 -25.93 11.60
CA GLY C 133 12.03 -27.03 10.60
C GLY C 133 11.36 -28.30 11.09
N SER C 134 11.67 -28.70 12.32
CA SER C 134 11.03 -29.86 12.95
C SER C 134 9.50 -29.72 13.00
N ALA C 135 9.05 -28.54 13.41
CA ALA C 135 7.62 -28.24 13.49
C ALA C 135 7.00 -28.09 12.11
N SER C 136 7.70 -27.41 11.20
CA SER C 136 7.15 -27.13 9.87
C SER C 136 6.99 -28.41 9.04
N GLN C 137 7.93 -29.35 9.20
CA GLN C 137 7.92 -30.61 8.44
C GLN C 137 6.73 -31.51 8.74
N ARG C 138 6.24 -31.50 9.98
CA ARG C 138 5.09 -32.32 10.37
C ARG C 138 3.82 -31.94 9.60
N GLN C 139 3.32 -32.89 8.82
CA GLN C 139 2.16 -32.70 7.96
C GLN C 139 0.84 -32.99 8.68
N THR C 140 0.90 -33.51 9.90
CA THR C 140 -0.29 -33.75 10.72
C THR C 140 -0.07 -33.32 12.18
N GLY C 141 -1.17 -33.02 12.85
CA GLY C 141 -1.18 -32.53 14.22
C GLY C 141 -0.78 -31.07 14.33
N ALA C 142 -0.53 -30.64 15.55
CA ALA C 142 -0.11 -29.27 15.86
C ALA C 142 1.22 -29.30 16.60
N SER C 143 2.00 -28.22 16.46
CA SER C 143 3.25 -28.04 17.24
C SER C 143 3.26 -26.66 17.89
N VAL C 144 3.67 -26.63 19.16
CA VAL C 144 3.87 -25.38 19.91
C VAL C 144 5.22 -25.46 20.61
N PHE C 145 5.67 -24.33 21.13
CA PHE C 145 6.96 -24.24 21.80
C PHE C 145 6.76 -23.76 23.24
N ALA C 146 7.47 -24.37 24.16
CA ALA C 146 7.42 -24.06 25.57
C ALA C 146 8.73 -23.41 25.97
N TYR C 147 8.64 -22.32 26.73
CA TYR C 147 9.82 -21.51 27.13
C TYR C 147 9.69 -21.14 28.60
N HIS C 148 10.78 -21.37 29.32
CA HIS C 148 10.83 -21.08 30.74
C HIS C 148 10.81 -19.58 30.98
N VAL C 149 9.85 -19.09 31.76
CA VAL C 149 9.74 -17.66 32.07
C VAL C 149 9.59 -17.42 33.56
N LEU C 150 9.87 -16.20 33.98
CA LEU C 150 9.70 -15.79 35.39
C LEU C 150 8.23 -15.66 35.77
N ASP C 151 7.39 -15.29 34.80
CA ASP C 151 5.97 -14.89 35.04
C ASP C 151 4.96 -15.68 34.19
N PRO C 152 4.89 -17.01 34.39
CA PRO C 152 4.06 -17.88 33.55
C PRO C 152 2.57 -17.53 33.62
N GLU C 153 2.15 -16.92 34.73
CA GLU C 153 0.76 -16.46 34.88
C GLU C 153 0.23 -15.50 33.79
N ARG C 154 1.13 -14.83 33.06
CA ARG C 154 0.75 -13.98 31.93
C ARG C 154 0.42 -14.72 30.64
N TYR C 155 0.67 -16.04 30.61
CA TYR C 155 0.68 -16.82 29.38
C TYR C 155 -0.14 -18.09 29.49
N GLY C 156 -0.31 -18.77 28.36
CA GLY C 156 -0.70 -20.17 28.35
C GLY C 156 0.43 -20.95 28.98
N VAL C 157 0.12 -21.88 29.86
CA VAL C 157 1.12 -22.63 30.61
C VAL C 157 0.95 -24.11 30.35
N VAL C 158 2.07 -24.79 30.12
CA VAL C 158 2.12 -26.21 29.87
C VAL C 158 2.70 -26.94 31.07
N GLU C 159 2.00 -28.01 31.47
CA GLU C 159 2.42 -28.90 32.56
C GLU C 159 2.89 -30.19 31.95
N PHE C 160 4.01 -30.72 32.46
CA PHE C 160 4.60 -31.93 31.96
C PHE C 160 4.58 -32.98 33.07
N ASP C 161 4.51 -34.24 32.67
CA ASP C 161 4.68 -35.34 33.63
C ASP C 161 6.17 -35.61 33.85
N GLN C 162 6.50 -36.58 34.70
CA GLN C 162 7.90 -36.90 35.00
C GLN C 162 8.70 -37.41 33.80
N GLY C 163 8.00 -37.98 32.81
CA GLY C 163 8.63 -38.43 31.56
C GLY C 163 8.79 -37.36 30.49
N GLY C 164 8.35 -36.14 30.79
CA GLY C 164 8.44 -35.02 29.85
C GLY C 164 7.27 -34.88 28.90
N LYS C 165 6.20 -35.66 29.07
CA LYS C 165 5.01 -35.54 28.22
C LYS C 165 4.10 -34.41 28.72
N ALA C 166 3.61 -33.59 27.79
CA ALA C 166 2.66 -32.54 28.12
C ALA C 166 1.35 -33.19 28.54
N ILE C 167 0.82 -32.77 29.68
CA ILE C 167 -0.44 -33.33 30.24
C ILE C 167 -1.57 -32.32 30.50
N SER C 168 -1.26 -31.03 30.60
CA SER C 168 -2.29 -30.00 30.68
C SER C 168 -1.80 -28.65 30.11
N LEU C 169 -2.78 -27.88 29.64
CA LEU C 169 -2.59 -26.50 29.21
C LEU C 169 -3.58 -25.62 29.96
N GLU C 170 -3.12 -24.50 30.50
CA GLU C 170 -4.00 -23.54 31.18
C GLU C 170 -3.73 -22.13 30.67
N GLU C 171 -4.79 -21.37 30.38
CA GLU C 171 -4.62 -19.98 29.94
C GLU C 171 -4.54 -19.03 31.15
N LYS C 172 -3.37 -18.43 31.34
CA LYS C 172 -3.14 -17.41 32.36
C LYS C 172 -3.57 -17.87 33.76
N PRO C 173 -3.06 -19.03 34.18
CA PRO C 173 -3.44 -19.58 35.51
C PRO C 173 -2.94 -18.71 36.64
N LEU C 174 -3.79 -18.43 37.64
CA LEU C 174 -3.35 -17.70 38.82
C LEU C 174 -2.32 -18.50 39.64
N GLU C 175 -2.40 -19.83 39.56
CA GLU C 175 -1.45 -20.75 40.18
C GLU C 175 -0.88 -21.69 39.11
N PRO C 176 0.15 -21.22 38.38
CA PRO C 176 0.72 -22.00 37.30
C PRO C 176 1.29 -23.32 37.76
N LYS C 177 1.11 -24.36 36.95
CA LYS C 177 1.63 -25.68 37.27
C LYS C 177 3.12 -25.82 36.96
N SER C 178 3.62 -24.93 36.12
CA SER C 178 5.06 -24.91 35.79
C SER C 178 5.42 -23.50 35.42
N ASN C 179 6.71 -23.30 35.13
CA ASN C 179 7.19 -22.05 34.56
C ASN C 179 7.31 -22.04 33.04
N TYR C 180 6.76 -23.06 32.37
CA TYR C 180 6.84 -23.19 30.92
C TYR C 180 5.63 -22.51 30.27
N ALA C 181 5.87 -21.35 29.66
CA ALA C 181 4.88 -20.62 28.89
C ALA C 181 4.88 -21.11 27.44
N VAL C 182 3.70 -21.17 26.84
CA VAL C 182 3.58 -21.49 25.41
C VAL C 182 3.86 -20.18 24.65
N THR C 183 4.84 -20.20 23.75
CA THR C 183 5.18 -18.98 23.04
C THR C 183 4.11 -18.71 21.96
N GLY C 184 4.17 -17.51 21.40
CA GLY C 184 3.15 -17.08 20.42
C GLY C 184 3.51 -17.47 19.00
N LEU C 185 3.94 -18.71 18.79
CA LEU C 185 4.22 -19.26 17.48
C LEU C 185 3.64 -20.66 17.44
N TYR C 186 2.71 -20.91 16.52
CA TYR C 186 1.95 -22.14 16.50
C TYR C 186 1.91 -22.71 15.08
N PHE C 187 2.09 -24.03 14.98
CA PHE C 187 1.99 -24.77 13.70
C PHE C 187 0.78 -25.70 13.72
N TYR C 188 -0.03 -25.65 12.66
CA TYR C 188 -1.30 -26.40 12.63
C TYR C 188 -1.47 -27.14 11.32
N ASP C 189 -2.17 -28.27 11.40
CA ASP C 189 -2.57 -29.02 10.22
C ASP C 189 -3.96 -28.56 9.75
N GLN C 190 -4.57 -29.31 8.83
CA GLN C 190 -5.85 -28.91 8.21
C GLN C 190 -7.05 -28.97 9.14
N GLN C 191 -6.89 -29.52 10.34
CA GLN C 191 -7.99 -29.65 11.29
C GLN C 191 -8.32 -28.35 12.03
N VAL C 192 -7.43 -27.36 11.99
CA VAL C 192 -7.54 -26.25 12.94
C VAL C 192 -8.76 -25.34 12.73
N VAL C 193 -9.15 -25.14 11.49
CA VAL C 193 -10.32 -24.30 11.18
C VAL C 193 -11.59 -24.89 11.81
N ASP C 194 -11.77 -26.21 11.63
CA ASP C 194 -12.93 -26.93 12.21
C ASP C 194 -12.94 -26.88 13.74
N ILE C 195 -11.78 -27.05 14.36
CA ILE C 195 -11.64 -26.88 15.81
C ILE C 195 -12.04 -25.46 16.22
N ALA C 196 -11.52 -24.46 15.51
CA ALA C 196 -11.81 -23.05 15.79
C ALA C 196 -13.30 -22.69 15.67
N ARG C 197 -14.00 -23.31 14.73
CA ARG C 197 -15.44 -23.07 14.54
C ARG C 197 -16.30 -23.53 15.72
N ASP C 198 -15.84 -24.56 16.45
CA ASP C 198 -16.55 -25.08 17.63
C ASP C 198 -16.24 -24.34 18.96
N LEU C 199 -15.37 -23.33 18.94
CA LEU C 199 -15.01 -22.60 20.17
C LEU C 199 -16.11 -21.67 20.65
N LYS C 200 -16.47 -21.78 21.92
CA LYS C 200 -17.28 -20.76 22.61
C LYS C 200 -16.34 -19.65 23.12
N PRO C 201 -16.84 -18.41 23.26
CA PRO C 201 -16.04 -17.40 23.97
C PRO C 201 -15.79 -17.78 25.43
N SER C 202 -14.58 -17.56 25.91
CA SER C 202 -14.19 -17.89 27.29
C SER C 202 -14.86 -16.93 28.29
N PRO C 203 -14.81 -17.26 29.61
CA PRO C 203 -15.30 -16.35 30.67
C PRO C 203 -14.84 -14.89 30.58
N ARG C 204 -13.62 -14.65 30.10
CA ARG C 204 -13.12 -13.27 29.86
C ARG C 204 -13.54 -12.65 28.51
N GLY C 205 -14.19 -13.46 27.65
CA GLY C 205 -14.87 -12.95 26.44
C GLY C 205 -14.13 -13.11 25.13
N GLU C 206 -13.28 -14.13 25.01
CA GLU C 206 -12.40 -14.30 23.85
C GLU C 206 -12.35 -15.74 23.34
N LEU C 207 -12.10 -15.87 22.04
CA LEU C 207 -11.79 -17.16 21.42
C LEU C 207 -10.31 -17.44 21.68
N GLU C 208 -10.03 -18.42 22.55
CA GLU C 208 -8.70 -18.65 23.11
C GLU C 208 -7.86 -19.62 22.30
N ILE C 209 -6.61 -19.25 21.98
CA ILE C 209 -5.70 -20.17 21.29
C ILE C 209 -5.39 -21.42 22.15
N THR C 210 -5.34 -21.23 23.46
CA THR C 210 -5.11 -22.34 24.39
C THR C 210 -6.19 -23.43 24.27
N ASP C 211 -7.43 -23.03 23.98
CA ASP C 211 -8.51 -23.99 23.73
C ASP C 211 -8.29 -24.78 22.45
N VAL C 212 -7.81 -24.13 21.39
CA VAL C 212 -7.39 -24.83 20.17
C VAL C 212 -6.30 -25.84 20.48
N ASN C 213 -5.25 -25.42 21.19
CA ASN C 213 -4.16 -26.33 21.50
C ASN C 213 -4.56 -27.50 22.39
N ARG C 214 -5.47 -27.25 23.31
CA ARG C 214 -5.99 -28.31 24.18
C ARG C 214 -6.80 -29.35 23.39
N ALA C 215 -7.48 -28.92 22.33
CA ALA C 215 -8.19 -29.86 21.46
C ALA C 215 -7.22 -30.85 20.78
N TYR C 216 -6.08 -30.35 20.30
CA TYR C 216 -5.05 -31.23 19.76
C TYR C 216 -4.45 -32.15 20.83
N LEU C 217 -4.22 -31.60 22.02
CA LEU C 217 -3.67 -32.38 23.14
C LEU C 217 -4.61 -33.55 23.48
N GLU C 218 -5.90 -33.25 23.55
CA GLU C 218 -6.94 -34.26 23.87
C GLU C 218 -7.03 -35.40 22.86
N ARG C 219 -6.70 -35.15 21.60
CA ARG C 219 -6.67 -36.21 20.59
C ARG C 219 -5.27 -36.78 20.31
N GLY C 220 -4.31 -36.48 21.20
CA GLY C 220 -2.95 -37.00 21.09
C GLY C 220 -2.14 -36.49 19.93
N GLN C 221 -2.48 -35.31 19.41
CA GLN C 221 -1.82 -34.77 18.23
C GLN C 221 -1.17 -33.42 18.49
N LEU C 222 -0.77 -33.15 19.73
CA LEU C 222 -0.01 -31.94 20.05
C LEU C 222 1.43 -32.28 20.38
N SER C 223 2.36 -31.69 19.63
CA SER C 223 3.79 -31.75 19.93
C SER C 223 4.17 -30.48 20.68
N VAL C 224 4.79 -30.62 21.85
CA VAL C 224 5.28 -29.47 22.61
C VAL C 224 6.80 -29.59 22.57
N GLU C 225 7.44 -28.71 21.81
CA GLU C 225 8.91 -28.69 21.73
C GLU C 225 9.43 -27.66 22.72
N ILE C 226 10.52 -27.98 23.41
CA ILE C 226 11.12 -27.01 24.30
C ILE C 226 11.94 -26.03 23.47
N MET C 227 11.68 -24.73 23.68
CA MET C 227 12.56 -23.66 23.22
C MET C 227 13.48 -23.37 24.38
N GLY C 228 14.74 -23.76 24.24
CA GLY C 228 15.67 -23.74 25.35
C GLY C 228 16.14 -22.36 25.78
N ARG C 229 16.79 -22.34 26.94
CA ARG C 229 17.20 -21.09 27.59
C ARG C 229 18.27 -20.31 26.78
N GLY C 230 18.88 -20.99 25.82
CA GLY C 230 19.83 -20.33 24.93
C GLY C 230 19.18 -19.52 23.82
N TYR C 231 17.86 -19.60 23.71
CA TYR C 231 17.10 -18.69 22.84
C TYR C 231 16.52 -17.55 23.69
N ALA C 232 16.38 -16.37 23.09
CA ALA C 232 15.72 -15.23 23.67
C ALA C 232 14.35 -15.11 23.05
N TRP C 233 13.31 -15.14 23.89
CA TRP C 233 11.96 -14.76 23.48
C TRP C 233 11.67 -13.47 24.25
N LEU C 234 11.67 -12.34 23.54
CA LEU C 234 11.69 -11.00 24.18
C LEU C 234 10.27 -10.55 24.45
N ASP C 235 10.15 -9.71 25.47
CA ASP C 235 8.85 -9.25 25.97
C ASP C 235 8.57 -7.89 25.32
N THR C 236 7.44 -7.74 24.64
CA THR C 236 7.00 -6.42 24.11
C THR C 236 5.70 -5.93 24.78
N GLY C 237 5.41 -6.42 25.99
CA GLY C 237 4.14 -6.11 26.67
C GLY C 237 3.97 -4.70 27.21
N THR C 238 5.08 -4.07 27.60
CA THR C 238 5.04 -2.79 28.27
C THR C 238 6.07 -1.86 27.64
N HIS C 239 5.96 -0.57 27.94
CA HIS C 239 6.96 0.39 27.49
C HIS C 239 8.34 -0.04 28.00
N ASP C 240 8.39 -0.55 29.23
CA ASP C 240 9.66 -0.99 29.82
C ASP C 240 10.25 -2.17 29.03
N SER C 241 9.42 -3.15 28.71
CA SER C 241 9.92 -4.35 28.00
C SER C 241 10.28 -4.02 26.54
N LEU C 242 9.58 -3.06 25.92
CA LEU C 242 9.94 -2.60 24.56
C LEU C 242 11.33 -1.96 24.52
N LEU C 243 11.62 -1.13 25.52
CA LEU C 243 12.93 -0.54 25.69
CA LEU C 243 12.96 -0.54 25.68
C LEU C 243 13.99 -1.65 25.83
N GLU C 244 13.71 -2.64 26.67
CA GLU C 244 14.64 -3.75 26.85
C GLU C 244 14.89 -4.51 25.56
N ALA C 245 13.85 -4.71 24.77
CA ALA C 245 13.97 -5.44 23.52
C ALA C 245 14.86 -4.65 22.55
N GLY C 246 14.63 -3.34 22.48
CA GLY C 246 15.45 -2.51 21.60
C GLY C 246 16.91 -2.51 21.98
N GLN C 247 17.21 -2.48 23.27
CA GLN C 247 18.62 -2.50 23.72
CA GLN C 247 18.59 -2.53 23.75
C GLN C 247 19.25 -3.87 23.41
N PHE C 248 18.48 -4.94 23.54
CA PHE C 248 18.97 -6.29 23.27
C PHE C 248 19.38 -6.43 21.80
N ILE C 249 18.48 -6.03 20.90
CA ILE C 249 18.77 -6.05 19.46
C ILE C 249 19.97 -5.14 19.14
N ALA C 250 19.98 -3.93 19.68
CA ALA C 250 21.07 -2.95 19.42
C ALA C 250 22.39 -3.57 19.86
N THR C 251 22.42 -4.24 21.01
CA THR C 251 23.68 -4.81 21.48
C THR C 251 24.19 -5.89 20.54
N LEU C 252 23.31 -6.77 20.08
CA LEU C 252 23.70 -7.85 19.15
C LEU C 252 24.18 -7.25 17.82
N GLU C 253 23.40 -6.34 17.24
CA GLU C 253 23.70 -5.84 15.89
C GLU C 253 24.97 -5.03 15.88
N ASN C 254 25.17 -4.22 16.91
CA ASN C 254 26.37 -3.39 16.98
C ASN C 254 27.64 -4.18 17.31
N ARG C 255 27.49 -5.33 17.96
CA ARG C 255 28.61 -6.22 18.21
C ARG C 255 29.00 -6.94 16.92
N GLN C 256 28.00 -7.46 16.21
CA GLN C 256 28.21 -8.40 15.12
C GLN C 256 28.42 -7.73 13.77
N GLY C 257 27.85 -6.55 13.58
CA GLY C 257 27.67 -5.99 12.23
C GLY C 257 26.79 -6.86 11.36
N LEU C 258 25.84 -7.56 11.98
CA LEU C 258 24.84 -8.35 11.29
C LEU C 258 23.50 -7.92 11.89
N LYS C 259 22.45 -8.06 11.12
CA LYS C 259 21.12 -7.66 11.57
C LYS C 259 20.33 -8.87 12.02
N VAL C 260 19.43 -8.64 12.99
CA VAL C 260 18.45 -9.61 13.39
C VAL C 260 17.15 -9.25 12.70
N ALA C 261 16.53 -10.23 12.03
CA ALA C 261 15.23 -10.06 11.37
C ALA C 261 15.22 -9.02 10.27
N CYS C 262 16.22 -9.11 9.39
CA CYS C 262 16.23 -8.35 8.14
C CYS C 262 15.54 -9.19 7.04
N PRO C 263 14.26 -8.85 6.68
CA PRO C 263 13.55 -9.72 5.73
C PRO C 263 14.23 -9.86 4.35
N GLU C 264 14.85 -8.80 3.89
CA GLU C 264 15.53 -8.80 2.59
C GLU C 264 16.66 -9.81 2.62
N GLU C 265 17.41 -9.83 3.73
CA GLU C 265 18.49 -10.80 3.89
C GLU C 265 17.97 -12.24 3.91
N ILE C 266 16.91 -12.47 4.66
CA ILE C 266 16.36 -13.81 4.75
C ILE C 266 15.84 -14.32 3.39
N ALA C 267 15.12 -13.46 2.67
CA ALA C 267 14.66 -13.80 1.33
C ALA C 267 15.85 -14.13 0.39
N TYR C 268 16.91 -13.35 0.49
CA TYR C 268 18.12 -13.54 -0.35
C TYR C 268 18.78 -14.88 0.00
N ARG C 269 18.91 -15.16 1.28
CA ARG C 269 19.49 -16.42 1.73
C ARG C 269 18.63 -17.65 1.43
N GLN C 270 17.32 -17.48 1.38
CA GLN C 270 16.39 -18.55 1.03
C GLN C 270 16.30 -18.76 -0.49
N LYS C 271 16.99 -17.93 -1.27
CA LYS C 271 16.92 -17.90 -2.75
C LYS C 271 15.55 -17.50 -3.29
N TRP C 272 14.78 -16.75 -2.49
CA TRP C 272 13.47 -16.25 -2.94
C TRP C 272 13.62 -14.99 -3.80
N ILE C 273 14.70 -14.24 -3.59
CA ILE C 273 15.13 -13.15 -4.47
C ILE C 273 16.60 -13.38 -4.84
N ASP C 274 17.01 -12.87 -5.99
CA ASP C 274 18.40 -13.03 -6.42
C ASP C 274 19.22 -11.75 -6.17
N ALA C 275 20.51 -11.81 -6.50
CA ALA C 275 21.43 -10.71 -6.24
C ALA C 275 20.99 -9.39 -6.88
N ALA C 276 20.48 -9.45 -8.12
CA ALA C 276 20.03 -8.25 -8.82
C ALA C 276 18.86 -7.58 -8.11
N GLN C 277 17.93 -8.41 -7.61
CA GLN C 277 16.76 -7.93 -6.88
C GLN C 277 17.16 -7.28 -5.55
N LEU C 278 18.09 -7.92 -4.83
CA LEU C 278 18.62 -7.34 -3.59
C LEU C 278 19.29 -5.99 -3.82
N GLU C 279 20.04 -5.88 -4.92
CA GLU C 279 20.75 -4.64 -5.23
C GLU C 279 19.75 -3.49 -5.47
N LYS C 280 18.66 -3.78 -6.19
CA LYS C 280 17.55 -2.84 -6.37
C LYS C 280 16.86 -2.40 -5.07
N LEU C 281 16.74 -3.32 -4.11
CA LEU C 281 16.19 -2.97 -2.79
C LEU C 281 17.13 -2.09 -1.98
N ALA C 282 18.43 -2.25 -2.19
CA ALA C 282 19.41 -1.48 -1.44
C ALA C 282 19.47 -0.01 -1.86
N ALA C 283 19.23 0.25 -3.14
CA ALA C 283 19.34 1.60 -3.71
C ALA C 283 18.54 2.72 -3.00
N PRO C 284 17.21 2.54 -2.79
CA PRO C 284 16.46 3.57 -2.05
C PRO C 284 16.84 3.74 -0.56
N LEU C 285 17.53 2.75 0.00
CA LEU C 285 18.02 2.79 1.37
C LEU C 285 19.53 3.11 1.45
N ALA C 286 20.14 3.51 0.33
CA ALA C 286 21.61 3.63 0.20
C ALA C 286 22.26 4.69 1.07
N LYS C 287 21.52 5.75 1.39
CA LYS C 287 22.03 6.85 2.23
C LYS C 287 21.97 6.56 3.73
N ASN C 288 21.39 5.43 4.14
CA ASN C 288 21.38 5.00 5.54
C ASN C 288 22.13 3.68 5.73
N GLY C 289 22.35 3.30 6.98
CA GLY C 289 23.05 2.06 7.32
C GLY C 289 22.36 0.78 6.88
N TYR C 290 21.04 0.81 6.75
CA TYR C 290 20.29 -0.40 6.38
C TYR C 290 20.56 -0.77 4.91
N GLY C 291 20.54 0.21 4.02
CA GLY C 291 20.87 0.00 2.61
C GLY C 291 22.32 -0.36 2.38
N GLN C 292 23.23 0.29 3.09
CA GLN C 292 24.65 -0.10 3.08
C GLN C 292 24.82 -1.56 3.51
N TYR C 293 24.05 -1.99 4.52
CA TYR C 293 24.08 -3.38 4.92
C TYR C 293 23.64 -4.32 3.81
N LEU C 294 22.52 -3.99 3.14
CA LEU C 294 22.02 -4.85 2.07
C LEU C 294 23.05 -4.95 0.92
N LYS C 295 23.68 -3.83 0.60
CA LYS C 295 24.75 -3.83 -0.41
C LYS C 295 25.93 -4.71 0.02
N ARG C 296 26.33 -4.63 1.29
CA ARG C 296 27.42 -5.48 1.78
C ARG C 296 27.13 -6.97 1.65
N LEU C 297 25.87 -7.37 1.82
CA LEU C 297 25.45 -8.77 1.66
C LEU C 297 25.76 -9.36 0.27
N LEU C 298 25.85 -8.51 -0.75
CA LEU C 298 26.09 -8.97 -2.13
C LEU C 298 27.49 -9.53 -2.34
N THR C 299 28.45 -9.05 -1.55
CA THR C 299 29.86 -9.40 -1.72
C THR C 299 30.52 -10.08 -0.52
N GLU C 300 29.84 -10.15 0.64
CA GLU C 300 30.41 -10.81 1.82
C GLU C 300 29.82 -12.20 2.01
N THR C 301 30.68 -13.18 2.29
CA THR C 301 30.24 -14.49 2.73
C THR C 301 30.00 -14.47 4.24
N VAL C 302 28.78 -14.78 4.66
CA VAL C 302 28.43 -14.88 6.09
C VAL C 302 28.01 -16.33 6.34
N TYR C 303 28.69 -17.02 7.25
CA TYR C 303 28.37 -18.41 7.58
C TYR C 303 27.25 -18.47 8.61
N LYS D 12 3.35 39.43 23.15
CA LYS D 12 2.97 38.02 22.84
C LYS D 12 4.14 37.28 22.18
N ARG D 13 4.42 36.07 22.64
CA ARG D 13 5.38 35.19 21.96
C ARG D 13 4.69 33.93 21.43
N LYS D 14 4.87 33.67 20.14
CA LYS D 14 4.32 32.50 19.47
C LYS D 14 5.44 31.49 19.24
N GLY D 15 5.07 30.23 19.12
CA GLY D 15 6.03 29.14 19.06
C GLY D 15 5.95 28.40 17.74
N ILE D 16 7.10 27.90 17.27
CA ILE D 16 7.16 27.06 16.07
C ILE D 16 7.90 25.79 16.47
N ILE D 17 7.33 24.62 16.11
CA ILE D 17 8.03 23.34 16.23
C ILE D 17 8.36 22.91 14.83
N LEU D 18 9.65 22.75 14.55
CA LEU D 18 10.10 22.26 13.27
C LEU D 18 10.31 20.76 13.38
N ALA D 19 9.34 20.02 12.86
CA ALA D 19 9.36 18.57 12.83
C ALA D 19 9.71 18.15 11.40
N GLY D 20 10.94 18.46 11.00
CA GLY D 20 11.37 18.28 9.63
C GLY D 20 11.57 16.84 9.22
N GLY D 21 11.63 16.63 7.91
CA GLY D 21 11.91 15.32 7.36
C GLY D 21 13.32 14.88 7.72
N SER D 22 13.48 13.61 8.08
CA SER D 22 14.79 13.01 8.28
C SER D 22 15.19 12.17 7.07
N GLY D 23 14.51 12.41 5.95
CA GLY D 23 14.75 11.67 4.71
C GLY D 23 14.61 10.19 4.96
N THR D 24 15.61 9.44 4.52
CA THR D 24 15.64 7.99 4.69
C THR D 24 16.58 7.54 5.82
N ARG D 25 17.06 8.46 6.66
CA ARG D 25 18.12 8.13 7.62
C ARG D 25 17.72 7.07 8.65
N LEU D 26 16.46 7.08 9.07
CA LEU D 26 15.95 6.16 10.09
C LEU D 26 15.12 5.01 9.50
N HIS D 27 15.19 4.81 8.18
CA HIS D 27 14.49 3.71 7.53
C HIS D 27 15.14 2.39 7.98
N PRO D 28 14.37 1.31 8.14
CA PRO D 28 12.96 1.21 7.79
C PRO D 28 12.01 1.60 8.92
N ALA D 29 12.54 1.98 10.09
CA ALA D 29 11.66 2.38 11.21
C ALA D 29 10.70 3.49 10.82
N THR D 30 11.18 4.46 10.02
CA THR D 30 10.34 5.60 9.62
C THR D 30 9.70 5.44 8.24
N LEU D 31 9.71 4.23 7.66
CA LEU D 31 9.14 4.05 6.33
C LEU D 31 7.69 4.46 6.27
N ALA D 32 6.86 3.83 7.09
CA ALA D 32 5.43 4.10 7.06
C ALA D 32 4.98 5.10 8.13
N ILE D 33 5.90 5.52 9.01
CA ILE D 33 5.57 6.22 10.26
C ILE D 33 6.46 7.45 10.44
N SER D 34 5.87 8.52 10.98
CA SER D 34 6.54 9.80 11.11
C SER D 34 7.60 9.79 12.22
N LYS D 35 8.78 10.28 11.91
CA LYS D 35 9.91 10.32 12.86
C LYS D 35 9.53 10.88 14.23
N GLN D 36 8.88 12.04 14.22
CA GLN D 36 8.59 12.74 15.49
C GLN D 36 7.32 12.24 16.15
N LEU D 37 6.71 11.20 15.59
CA LEU D 37 5.70 10.43 16.29
C LEU D 37 6.25 9.16 16.93
N LEU D 38 7.52 8.83 16.70
CA LEU D 38 8.12 7.67 17.38
C LEU D 38 8.17 7.95 18.89
N PRO D 39 7.91 6.92 19.71
CA PRO D 39 7.92 7.16 21.15
C PRO D 39 9.32 7.34 21.74
N VAL D 40 9.41 8.26 22.69
CA VAL D 40 10.53 8.32 23.61
C VAL D 40 9.98 7.81 24.92
N TYR D 41 10.33 6.55 25.21
CA TYR D 41 9.77 5.74 26.26
C TYR D 41 8.27 5.50 26.09
N ASP D 42 7.44 6.39 26.64
CA ASP D 42 6.00 6.16 26.77
C ASP D 42 5.16 7.16 26.00
N LYS D 43 5.77 8.13 25.34
CA LYS D 43 5.00 9.17 24.68
C LYS D 43 5.64 9.57 23.37
N PRO D 44 4.80 10.06 22.43
CA PRO D 44 5.35 10.49 21.13
C PRO D 44 6.43 11.56 21.28
N MET D 45 7.45 11.45 20.45
CA MET D 45 8.57 12.40 20.49
C MET D 45 8.11 13.85 20.51
N ILE D 46 7.10 14.19 19.71
CA ILE D 46 6.67 15.59 19.61
C ILE D 46 6.14 16.18 20.93
N TYR D 47 5.71 15.33 21.88
CA TYR D 47 5.29 15.83 23.20
C TYR D 47 6.41 16.59 23.94
N TYR D 48 7.67 16.25 23.66
CA TYR D 48 8.81 16.85 24.39
C TYR D 48 9.06 18.31 23.97
N PRO D 49 9.27 18.59 22.67
CA PRO D 49 9.33 20.01 22.27
C PRO D 49 8.03 20.78 22.51
N LEU D 50 6.88 20.15 22.37
CA LEU D 50 5.61 20.83 22.67
C LEU D 50 5.61 21.27 24.14
N SER D 51 6.01 20.35 25.02
CA SER D 51 6.10 20.64 26.45
C SER D 51 7.11 21.73 26.77
N THR D 52 8.22 21.77 26.04
CA THR D 52 9.21 22.85 26.20
C THR D 52 8.59 24.22 25.91
N LEU D 53 7.88 24.34 24.80
CA LEU D 53 7.22 25.61 24.48
C LEU D 53 6.18 25.98 25.54
N MET D 54 5.43 24.98 25.98
CA MET D 54 4.39 25.18 26.98
C MET D 54 4.99 25.63 28.30
N LEU D 55 6.14 25.05 28.68
CA LEU D 55 6.85 25.49 29.89
CA LEU D 55 6.86 25.50 29.88
C LEU D 55 7.38 26.93 29.76
N ALA D 56 7.67 27.38 28.54
CA ALA D 56 8.02 28.78 28.29
C ALA D 56 6.79 29.74 28.27
N GLY D 57 5.60 29.21 28.53
CA GLY D 57 4.38 30.02 28.55
C GLY D 57 3.73 30.24 27.20
N ILE D 58 4.13 29.45 26.19
CA ILE D 58 3.66 29.65 24.81
C ILE D 58 2.49 28.70 24.54
N ARG D 59 1.34 29.27 24.19
CA ARG D 59 0.10 28.54 23.90
C ARG D 59 -0.24 28.46 22.41
N GLU D 60 0.28 29.42 21.64
CA GLU D 60 0.00 29.55 20.21
C GLU D 60 1.20 29.02 19.44
N ILE D 61 1.01 27.87 18.79
CA ILE D 61 2.11 27.08 18.28
C ILE D 61 1.82 26.58 16.86
N LEU D 62 2.78 26.80 15.97
CA LEU D 62 2.74 26.32 14.58
C LEU D 62 3.63 25.09 14.47
N ILE D 63 3.07 23.97 14.04
CA ILE D 63 3.85 22.74 13.77
C ILE D 63 4.14 22.67 12.27
N ILE D 64 5.42 22.69 11.93
CA ILE D 64 5.86 22.60 10.53
C ILE D 64 6.46 21.21 10.30
N SER D 65 5.98 20.51 9.28
CA SER D 65 6.53 19.22 8.94
C SER D 65 6.45 18.98 7.43
N THR D 66 6.70 17.75 7.02
CA THR D 66 6.72 17.37 5.61
C THR D 66 5.28 17.26 5.06
N PRO D 67 5.13 17.24 3.73
CA PRO D 67 3.79 17.02 3.18
C PRO D 67 3.13 15.73 3.67
N GLN D 68 3.92 14.67 3.90
CA GLN D 68 3.38 13.38 4.37
C GLN D 68 3.07 13.34 5.86
N ASP D 69 3.90 14.01 6.67
CA ASP D 69 3.76 13.93 8.12
C ASP D 69 2.85 14.99 8.72
N THR D 70 2.76 16.19 8.12
CA THR D 70 1.94 17.25 8.71
C THR D 70 0.49 16.78 9.02
N PRO D 71 -0.18 16.10 8.06
CA PRO D 71 -1.53 15.62 8.38
C PRO D 71 -1.59 14.57 9.51
N ARG D 72 -0.53 13.78 9.67
CA ARG D 72 -0.44 12.83 10.77
C ARG D 72 -0.35 13.55 12.13
N PHE D 73 0.40 14.66 12.20
CA PHE D 73 0.44 15.48 13.43
C PHE D 73 -0.92 16.12 13.70
N GLN D 74 -1.56 16.63 12.66
CA GLN D 74 -2.90 17.19 12.80
C GLN D 74 -3.93 16.14 13.24
N GLN D 75 -3.86 14.94 12.69
CA GLN D 75 -4.78 13.87 13.09
C GLN D 75 -4.60 13.49 14.57
N LEU D 76 -3.36 13.55 15.04
CA LEU D 76 -3.05 13.25 16.45
C LEU D 76 -3.50 14.36 17.37
N LEU D 77 -3.05 15.58 17.07
CA LEU D 77 -3.14 16.70 18.05
C LEU D 77 -4.28 17.67 17.79
N GLY D 78 -4.82 17.70 16.58
CA GLY D 78 -5.87 18.65 16.24
C GLY D 78 -5.48 20.10 16.49
N ASP D 79 -6.46 20.91 16.87
CA ASP D 79 -6.21 22.33 17.14
C ASP D 79 -5.64 22.61 18.53
N GLY D 80 -5.50 21.58 19.37
CA GLY D 80 -4.89 21.76 20.69
C GLY D 80 -5.83 22.26 21.77
N SER D 81 -7.09 22.52 21.40
CA SER D 81 -8.06 23.08 22.34
C SER D 81 -8.30 22.23 23.59
N ASN D 82 -8.20 20.90 23.46
CA ASN D 82 -8.32 20.01 24.61
C ASN D 82 -7.23 20.22 25.68
N TRP D 83 -6.09 20.80 25.29
CA TRP D 83 -5.01 21.12 26.22
C TRP D 83 -4.83 22.63 26.43
N GLY D 84 -5.87 23.42 26.12
CA GLY D 84 -5.76 24.86 26.23
C GLY D 84 -4.81 25.54 25.29
N LEU D 85 -4.49 24.88 24.16
CA LEU D 85 -3.55 25.41 23.20
C LEU D 85 -4.29 25.87 21.95
N ASP D 86 -3.55 26.56 21.10
CA ASP D 86 -4.00 27.00 19.78
C ASP D 86 -2.94 26.54 18.76
N LEU D 87 -3.14 25.34 18.23
CA LEU D 87 -2.19 24.74 17.29
C LEU D 87 -2.58 24.99 15.83
N GLN D 88 -1.60 25.32 15.02
CA GLN D 88 -1.74 25.46 13.57
C GLN D 88 -0.67 24.61 12.92
N TYR D 89 -0.83 24.37 11.62
CA TYR D 89 0.05 23.47 10.84
C TYR D 89 0.48 24.11 9.53
N ALA D 90 1.72 23.89 9.15
CA ALA D 90 2.25 24.28 7.84
C ALA D 90 3.21 23.23 7.32
N VAL D 91 3.40 23.22 6.00
CA VAL D 91 4.23 22.24 5.32
C VAL D 91 5.53 22.86 4.85
N GLN D 92 6.64 22.14 5.07
CA GLN D 92 7.91 22.44 4.43
C GLN D 92 8.08 21.42 3.29
N PRO D 93 7.92 21.86 2.01
CA PRO D 93 7.97 20.91 0.88
C PRO D 93 9.24 20.07 0.77
N SER D 94 10.38 20.69 1.06
CA SER D 94 11.68 20.03 0.97
C SER D 94 12.57 20.46 2.13
N PRO D 95 13.38 19.54 2.69
CA PRO D 95 14.24 19.89 3.81
C PRO D 95 15.43 20.76 3.37
N ASP D 96 15.16 22.06 3.14
CA ASP D 96 16.15 23.00 2.62
C ASP D 96 16.61 24.03 3.65
N GLY D 97 16.72 23.59 4.91
CA GLY D 97 17.22 24.43 5.99
C GLY D 97 16.17 24.76 7.03
N LEU D 98 16.63 24.92 8.27
CA LEU D 98 15.76 25.18 9.40
C LEU D 98 15.25 26.62 9.36
N ALA D 99 16.02 27.52 8.73
CA ALA D 99 15.63 28.93 8.61
C ALA D 99 14.44 29.19 7.69
N GLN D 100 14.10 28.22 6.83
CA GLN D 100 12.85 28.26 6.07
C GLN D 100 11.61 28.32 6.97
N ALA D 101 11.72 27.84 8.21
CA ALA D 101 10.64 27.94 9.19
C ALA D 101 10.06 29.36 9.29
N PHE D 102 10.92 30.38 9.20
CA PHE D 102 10.48 31.76 9.34
C PHE D 102 9.77 32.30 8.10
N LEU D 103 10.13 31.80 6.92
CA LEU D 103 9.43 32.16 5.69
C LEU D 103 8.11 31.41 5.60
N ILE D 104 8.14 30.10 5.86
CA ILE D 104 6.92 29.30 5.93
C ILE D 104 5.98 29.83 7.01
N GLY D 105 6.56 30.24 8.14
CA GLY D 105 5.80 30.75 9.26
C GLY D 105 5.58 32.25 9.31
N GLU D 106 5.85 32.97 8.22
CA GLU D 106 5.78 34.44 8.21
C GLU D 106 4.38 34.97 8.58
N SER D 107 3.35 34.47 7.93
CA SER D 107 1.97 34.92 8.25
C SER D 107 1.57 34.54 9.68
N PHE D 108 1.99 33.36 10.13
CA PHE D 108 1.76 32.93 11.52
C PHE D 108 2.41 33.88 12.55
N ILE D 109 3.67 34.23 12.33
CA ILE D 109 4.41 35.07 13.26
C ILE D 109 3.79 36.47 13.33
N GLY D 110 3.44 37.04 12.17
CA GLY D 110 2.84 38.36 12.12
C GLY D 110 3.84 39.38 12.64
N ASN D 111 3.39 40.27 13.53
CA ASN D 111 4.28 41.23 14.17
C ASN D 111 4.59 40.86 15.62
N ASP D 112 4.52 39.57 15.95
CA ASP D 112 4.78 39.10 17.32
C ASP D 112 6.19 38.56 17.49
N LEU D 113 6.57 38.39 18.75
CA LEU D 113 7.82 37.73 19.11
C LEU D 113 7.66 36.24 18.82
N SER D 114 8.77 35.51 18.69
CA SER D 114 8.68 34.08 18.43
C SER D 114 9.71 33.23 19.17
N ALA D 115 9.42 31.94 19.22
CA ALA D 115 10.36 30.92 19.67
C ALA D 115 10.29 29.75 18.69
N LEU D 116 11.43 29.15 18.39
CA LEU D 116 11.52 27.98 17.52
C LEU D 116 12.15 26.84 18.31
N VAL D 117 11.56 25.65 18.25
CA VAL D 117 12.15 24.46 18.85
C VAL D 117 12.22 23.36 17.80
N LEU D 118 13.31 22.61 17.80
CA LEU D 118 13.46 21.47 16.89
C LEU D 118 12.70 20.29 17.47
N GLY D 119 12.06 19.53 16.57
CA GLY D 119 11.13 18.49 16.94
C GLY D 119 11.70 17.26 17.62
N ASP D 120 13.02 17.11 17.58
CA ASP D 120 13.69 15.91 18.10
C ASP D 120 14.64 16.25 19.25
N ASN D 121 14.40 17.40 19.88
CA ASN D 121 15.21 17.84 21.00
C ASN D 121 14.44 17.63 22.30
N LEU D 122 15.14 17.11 23.30
CA LEU D 122 14.58 16.81 24.61
C LEU D 122 15.42 17.55 25.64
N TYR D 123 14.76 18.19 26.60
CA TYR D 123 15.45 18.91 27.69
C TYR D 123 14.91 18.43 29.04
N TYR D 124 15.79 18.42 30.04
CA TYR D 124 15.40 18.09 31.41
C TYR D 124 16.31 18.81 32.40
N GLY D 125 15.72 19.37 33.44
CA GLY D 125 16.48 19.83 34.59
C GLY D 125 15.77 20.82 35.49
N HIS D 126 16.43 21.14 36.60
CA HIS D 126 15.84 21.96 37.63
C HIS D 126 15.82 23.42 37.20
N ASP D 127 14.68 24.07 37.42
CA ASP D 127 14.45 25.49 37.09
C ASP D 127 14.56 25.75 35.58
N PHE D 128 14.25 24.75 34.77
CA PHE D 128 14.22 24.94 33.31
C PHE D 128 13.17 26.00 32.98
N HIS D 129 12.05 25.97 33.69
CA HIS D 129 11.00 27.00 33.60
C HIS D 129 11.55 28.43 33.73
N GLU D 130 12.46 28.64 34.68
CA GLU D 130 13.08 29.95 34.92
C GLU D 130 14.08 30.33 33.83
N LEU D 131 14.83 29.35 33.34
CA LEU D 131 15.75 29.56 32.22
C LEU D 131 14.99 29.99 30.96
N LEU D 132 13.84 29.37 30.72
CA LEU D 132 13.00 29.76 29.58
C LEU D 132 12.36 31.13 29.78
N GLY D 133 11.92 31.39 31.01
CA GLY D 133 11.33 32.69 31.39
C GLY D 133 12.22 33.90 31.15
N SER D 134 13.50 33.77 31.47
CA SER D 134 14.47 34.86 31.26
C SER D 134 14.68 35.19 29.78
N ALA D 135 14.80 34.16 28.95
CA ALA D 135 14.94 34.35 27.51
C ALA D 135 13.68 34.95 26.91
N SER D 136 12.51 34.46 27.37
CA SER D 136 11.23 34.91 26.84
C SER D 136 10.93 36.37 27.20
N GLN D 137 11.37 36.80 28.39
CA GLN D 137 11.13 38.17 28.85
C GLN D 137 11.94 39.25 28.10
N ARG D 138 13.01 38.88 27.41
CA ARG D 138 13.73 39.81 26.53
C ARG D 138 12.91 40.14 25.29
N GLN D 139 12.47 41.40 25.22
CA GLN D 139 11.61 41.88 24.15
C GLN D 139 12.39 42.16 22.87
N THR D 140 13.71 42.33 22.95
CA THR D 140 14.52 42.69 21.80
C THR D 140 15.66 41.71 21.58
N GLY D 141 16.12 41.64 20.33
CA GLY D 141 17.18 40.73 19.94
C GLY D 141 16.74 39.28 19.93
N ALA D 142 17.74 38.39 20.04
CA ALA D 142 17.50 36.94 20.03
C ALA D 142 18.23 36.32 21.21
N SER D 143 17.73 35.18 21.66
CA SER D 143 18.33 34.43 22.77
C SER D 143 18.50 32.98 22.38
N VAL D 144 19.70 32.45 22.57
CA VAL D 144 19.99 31.03 22.39
C VAL D 144 20.71 30.51 23.62
N PHE D 145 20.84 29.19 23.68
CA PHE D 145 21.54 28.51 24.77
C PHE D 145 22.71 27.71 24.25
N ALA D 146 23.81 27.73 24.99
CA ALA D 146 25.01 27.00 24.67
C ALA D 146 25.18 25.89 25.71
N TYR D 147 25.56 24.71 25.24
CA TYR D 147 25.68 23.51 26.08
C TYR D 147 26.95 22.80 25.71
N HIS D 148 27.72 22.42 26.73
CA HIS D 148 28.97 21.71 26.54
C HIS D 148 28.67 20.30 26.02
N VAL D 149 29.26 19.95 24.89
CA VAL D 149 29.08 18.60 24.31
C VAL D 149 30.39 17.93 23.98
N LEU D 150 30.34 16.62 23.84
CA LEU D 150 31.50 15.83 23.40
C LEU D 150 31.80 15.99 21.91
N ASP D 151 30.77 16.21 21.09
CA ASP D 151 30.93 16.21 19.62
C ASP D 151 30.45 17.52 18.98
N PRO D 152 31.11 18.65 19.30
CA PRO D 152 30.63 19.95 18.83
C PRO D 152 30.54 20.06 17.30
N GLU D 153 31.41 19.35 16.57
CA GLU D 153 31.36 19.29 15.09
C GLU D 153 30.02 18.87 14.45
N ARG D 154 29.12 18.25 15.22
CA ARG D 154 27.77 17.94 14.73
C ARG D 154 26.77 19.11 14.79
N TYR D 155 27.14 20.24 15.40
CA TYR D 155 26.21 21.34 15.71
C TYR D 155 26.73 22.70 15.30
N GLY D 156 25.88 23.72 15.50
CA GLY D 156 26.30 25.11 15.54
C GLY D 156 27.16 25.29 16.78
N VAL D 157 28.40 25.74 16.59
CA VAL D 157 29.37 25.89 17.67
C VAL D 157 29.53 27.38 17.99
N VAL D 158 29.52 27.70 19.28
CA VAL D 158 29.68 29.08 19.72
C VAL D 158 31.07 29.22 20.35
N GLU D 159 31.83 30.20 19.87
CA GLU D 159 33.14 30.56 20.44
C GLU D 159 32.97 31.76 21.36
N PHE D 160 33.54 31.66 22.56
CA PHE D 160 33.59 32.77 23.51
C PHE D 160 35.03 33.28 23.64
N ASP D 161 35.17 34.55 23.98
CA ASP D 161 36.49 35.15 24.26
C ASP D 161 36.84 34.96 25.74
N GLN D 162 37.97 35.53 26.17
CA GLN D 162 38.43 35.42 27.56
C GLN D 162 37.37 35.88 28.58
N GLY D 163 36.65 36.96 28.26
CA GLY D 163 35.65 37.54 29.17
C GLY D 163 34.28 36.89 29.20
N GLY D 164 34.07 35.86 28.37
CA GLY D 164 32.77 35.17 28.29
C GLY D 164 31.87 35.61 27.15
N LYS D 165 32.22 36.68 26.44
CA LYS D 165 31.39 37.18 25.35
C LYS D 165 31.41 36.25 24.14
N ALA D 166 30.24 35.96 23.57
CA ALA D 166 30.14 35.19 22.34
C ALA D 166 30.73 36.01 21.18
N ILE D 167 31.68 35.43 20.45
CA ILE D 167 32.40 36.14 19.38
C ILE D 167 32.30 35.52 17.99
N SER D 168 31.95 34.24 17.88
CA SER D 168 31.66 33.64 16.56
C SER D 168 30.73 32.44 16.65
N LEU D 169 30.06 32.17 15.53
CA LEU D 169 29.20 31.00 15.37
C LEU D 169 29.58 30.31 14.08
N GLU D 170 29.74 28.98 14.13
CA GLU D 170 30.06 28.17 12.95
C GLU D 170 29.18 26.93 12.91
N GLU D 171 28.60 26.65 11.75
CA GLU D 171 27.72 25.51 11.56
C GLU D 171 28.56 24.30 11.16
N LYS D 172 28.53 23.25 12.00
CA LYS D 172 29.23 21.99 11.77
C LYS D 172 30.68 22.18 11.31
N PRO D 173 31.50 22.87 12.12
CA PRO D 173 32.89 23.14 11.73
C PRO D 173 33.76 21.89 11.82
N LEU D 174 34.63 21.70 10.83
CA LEU D 174 35.59 20.59 10.85
C LEU D 174 36.66 20.76 11.94
N GLU D 175 36.89 22.01 12.35
CA GLU D 175 37.79 22.33 13.46
C GLU D 175 37.07 23.25 14.46
N PRO D 176 36.22 22.65 15.33
CA PRO D 176 35.46 23.46 16.29
C PRO D 176 36.32 24.33 17.20
N LYS D 177 35.89 25.58 17.40
CA LYS D 177 36.61 26.54 18.23
C LYS D 177 36.28 26.40 19.73
N SER D 178 35.27 25.59 20.06
CA SER D 178 34.97 25.29 21.46
C SER D 178 34.16 23.99 21.50
N ASN D 179 33.82 23.56 22.71
CA ASN D 179 32.91 22.44 22.91
C ASN D 179 31.45 22.86 23.20
N TYR D 180 31.14 24.14 22.99
CA TYR D 180 29.79 24.65 23.27
C TYR D 180 28.94 24.66 22.02
N ALA D 181 27.93 23.80 22.03
CA ALA D 181 26.95 23.70 20.96
C ALA D 181 25.75 24.59 21.24
N VAL D 182 25.15 25.17 20.20
CA VAL D 182 23.90 25.90 20.35
C VAL D 182 22.74 24.89 20.35
N THR D 183 21.90 24.91 21.37
CA THR D 183 20.84 23.90 21.50
C THR D 183 19.70 24.24 20.52
N GLY D 184 18.73 23.34 20.38
CA GLY D 184 17.66 23.51 19.39
C GLY D 184 16.46 24.28 19.90
N LEU D 185 16.73 25.40 20.56
CA LEU D 185 15.71 26.24 21.18
C LEU D 185 16.15 27.68 21.00
N TYR D 186 15.35 28.46 20.29
CA TYR D 186 15.74 29.79 19.87
C TYR D 186 14.61 30.76 20.13
N PHE D 187 14.95 31.94 20.65
CA PHE D 187 13.96 33.00 20.91
C PHE D 187 14.29 34.20 20.05
N TYR D 188 13.27 34.77 19.38
CA TYR D 188 13.48 35.84 18.40
C TYR D 188 12.50 36.99 18.58
N ASP D 189 12.99 38.19 18.26
CA ASP D 189 12.13 39.37 18.19
C ASP D 189 11.51 39.49 16.80
N GLN D 190 10.96 40.67 16.49
CA GLN D 190 10.23 40.89 15.24
C GLN D 190 11.11 41.08 14.01
N GLN D 191 12.44 41.04 14.17
CA GLN D 191 13.37 41.15 13.04
C GLN D 191 13.62 39.85 12.28
N VAL D 192 13.29 38.70 12.87
CA VAL D 192 13.77 37.41 12.34
C VAL D 192 13.32 37.08 10.91
N VAL D 193 12.09 37.46 10.57
CA VAL D 193 11.52 37.17 9.23
C VAL D 193 12.31 37.88 8.14
N ASP D 194 12.49 39.19 8.29
CA ASP D 194 13.29 39.98 7.35
C ASP D 194 14.76 39.54 7.30
N ILE D 195 15.33 39.14 8.43
CA ILE D 195 16.68 38.55 8.44
C ILE D 195 16.69 37.27 7.59
N ALA D 196 15.72 36.40 7.83
CA ALA D 196 15.56 35.15 7.08
C ALA D 196 15.37 35.36 5.58
N ARG D 197 14.52 36.32 5.20
CA ARG D 197 14.25 36.61 3.79
C ARG D 197 15.48 37.09 3.01
N ASP D 198 16.34 37.86 3.67
CA ASP D 198 17.58 38.36 3.05
C ASP D 198 18.78 37.37 3.09
N LEU D 199 18.57 36.14 3.56
CA LEU D 199 19.60 35.09 3.51
C LEU D 199 19.68 34.45 2.13
N LYS D 200 20.90 34.10 1.73
CA LYS D 200 21.13 33.21 0.58
C LYS D 200 21.39 31.79 1.11
N PRO D 201 21.13 30.75 0.29
CA PRO D 201 21.50 29.38 0.70
C PRO D 201 23.00 29.17 0.88
N SER D 202 23.36 28.28 1.80
CA SER D 202 24.76 27.95 2.11
C SER D 202 25.38 27.04 1.02
N PRO D 203 26.70 26.79 1.08
CA PRO D 203 27.35 25.83 0.16
C PRO D 203 26.75 24.40 0.15
N ARG D 204 26.15 23.98 1.26
CA ARG D 204 25.42 22.70 1.33
C ARG D 204 23.90 22.81 1.03
N GLY D 205 23.48 23.90 0.38
CA GLY D 205 22.12 24.04 -0.13
C GLY D 205 21.01 24.20 0.90
N GLU D 206 21.28 24.97 1.95
CA GLU D 206 20.32 25.16 3.04
C GLU D 206 20.29 26.60 3.57
N LEU D 207 19.10 27.05 3.94
CA LEU D 207 18.94 28.28 4.71
C LEU D 207 19.20 27.93 6.18
N GLU D 208 20.36 28.35 6.68
CA GLU D 208 20.89 27.90 7.97
C GLU D 208 20.37 28.76 9.14
N ILE D 209 19.87 28.11 10.20
CA ILE D 209 19.54 28.80 11.46
C ILE D 209 20.76 29.48 12.08
N THR D 210 21.93 28.86 11.93
CA THR D 210 23.20 29.48 12.35
C THR D 210 23.45 30.83 11.66
N ASP D 211 23.06 30.95 10.39
CA ASP D 211 23.17 32.23 9.66
C ASP D 211 22.23 33.31 10.23
N VAL D 212 21.02 32.91 10.65
CA VAL D 212 20.09 33.84 11.32
C VAL D 212 20.69 34.30 12.65
N ASN D 213 21.24 33.38 13.42
CA ASN D 213 21.83 33.74 14.70
C ASN D 213 23.09 34.59 14.56
N ARG D 214 23.88 34.32 13.52
CA ARG D 214 25.05 35.14 13.22
C ARG D 214 24.66 36.58 12.84
N ALA D 215 23.54 36.74 12.12
CA ALA D 215 23.03 38.07 11.80
C ALA D 215 22.70 38.89 13.06
N TYR D 216 22.06 38.26 14.05
CA TYR D 216 21.83 38.90 15.35
C TYR D 216 23.14 39.17 16.09
N LEU D 217 24.06 38.20 16.06
CA LEU D 217 25.36 38.37 16.73
C LEU D 217 26.16 39.57 16.19
N GLU D 218 26.24 39.67 14.85
CA GLU D 218 26.91 40.81 14.20
C GLU D 218 26.28 42.16 14.54
N ARG D 219 24.97 42.17 14.81
CA ARG D 219 24.25 43.35 15.30
C ARG D 219 24.34 43.57 16.81
N GLY D 220 25.11 42.74 17.52
CA GLY D 220 25.19 42.80 18.98
C GLY D 220 23.87 42.57 19.71
N GLN D 221 22.95 41.80 19.12
CA GLN D 221 21.63 41.55 19.72
C GLN D 221 21.37 40.07 19.99
N LEU D 222 22.43 39.26 20.05
CA LEU D 222 22.29 37.85 20.40
C LEU D 222 22.75 37.64 21.84
N SER D 223 21.85 37.16 22.70
CA SER D 223 22.17 36.68 24.04
C SER D 223 22.47 35.19 23.92
N VAL D 224 23.65 34.77 24.38
CA VAL D 224 24.01 33.35 24.46
C VAL D 224 24.14 33.02 25.95
N GLU D 225 23.14 32.36 26.49
CA GLU D 225 23.15 31.91 27.87
C GLU D 225 23.68 30.48 27.93
N ILE D 226 24.42 30.17 28.99
CA ILE D 226 24.90 28.82 29.21
C ILE D 226 23.76 28.00 29.80
N MET D 227 23.49 26.86 29.18
CA MET D 227 22.68 25.82 29.76
C MET D 227 23.66 24.89 30.46
N GLY D 228 23.62 24.88 31.78
CA GLY D 228 24.66 24.21 32.54
C GLY D 228 24.64 22.69 32.45
N ARG D 229 25.72 22.11 32.94
CA ARG D 229 25.90 20.65 32.95
C ARG D 229 24.89 19.87 33.80
N GLY D 230 24.16 20.57 34.68
CA GLY D 230 23.09 19.98 35.48
C GLY D 230 21.78 19.80 34.73
N TYR D 231 21.73 20.30 33.50
CA TYR D 231 20.62 20.04 32.61
C TYR D 231 21.02 18.94 31.65
N ALA D 232 20.04 18.09 31.29
CA ALA D 232 20.20 17.15 30.19
C ALA D 232 19.59 17.74 28.91
N TRP D 233 20.40 17.85 27.86
CA TRP D 233 19.90 18.16 26.52
C TRP D 233 20.23 16.94 25.67
N LEU D 234 19.20 16.23 25.22
CA LEU D 234 19.38 15.01 24.42
C LEU D 234 18.74 15.20 23.03
N ASP D 235 19.36 14.58 22.04
CA ASP D 235 18.87 14.55 20.67
C ASP D 235 18.36 13.15 20.39
N THR D 236 17.25 13.03 19.69
CA THR D 236 16.66 11.73 19.39
C THR D 236 16.61 11.49 17.87
N GLY D 237 17.66 11.91 17.17
CA GLY D 237 17.69 11.87 15.71
C GLY D 237 18.26 10.61 15.09
N THR D 238 18.84 9.71 15.91
CA THR D 238 19.34 8.41 15.45
C THR D 238 18.69 7.29 16.28
N HIS D 239 18.76 6.08 15.75
CA HIS D 239 18.24 4.91 16.48
C HIS D 239 18.89 4.77 17.84
N ASP D 240 20.21 4.89 17.89
CA ASP D 240 20.97 4.79 19.15
C ASP D 240 20.57 5.88 20.15
N SER D 241 20.46 7.12 19.66
CA SER D 241 20.17 8.25 20.56
C SER D 241 18.72 8.21 21.04
N LEU D 242 17.81 7.72 20.21
CA LEU D 242 16.42 7.55 20.58
C LEU D 242 16.29 6.54 21.73
N LEU D 243 17.03 5.45 21.61
CA LEU D 243 17.06 4.44 22.64
C LEU D 243 17.60 4.99 23.97
N GLU D 244 18.75 5.66 23.89
CA GLU D 244 19.34 6.28 25.09
C GLU D 244 18.38 7.25 25.76
N ALA D 245 17.69 8.05 24.96
CA ALA D 245 16.73 9.02 25.51
C ALA D 245 15.57 8.31 26.21
N GLY D 246 15.05 7.26 25.57
CA GLY D 246 14.01 6.43 26.19
C GLY D 246 14.41 5.87 27.54
N GLN D 247 15.63 5.34 27.65
CA GLN D 247 16.09 4.76 28.93
CA GLN D 247 16.13 4.77 28.91
C GLN D 247 16.30 5.85 29.98
N PHE D 248 16.77 7.02 29.55
CA PHE D 248 16.95 8.19 30.44
C PHE D 248 15.60 8.59 31.03
N ILE D 249 14.60 8.75 30.18
CA ILE D 249 13.28 9.14 30.65
C ILE D 249 12.67 8.06 31.53
N ALA D 250 12.77 6.81 31.11
CA ALA D 250 12.23 5.69 31.91
C ALA D 250 12.82 5.65 33.32
N THR D 251 14.13 5.87 33.43
CA THR D 251 14.81 5.84 34.72
C THR D 251 14.27 6.95 35.66
N LEU D 252 14.12 8.16 35.14
CA LEU D 252 13.56 9.26 35.93
C LEU D 252 12.12 9.01 36.34
N GLU D 253 11.28 8.65 35.38
CA GLU D 253 9.85 8.47 35.64
C GLU D 253 9.59 7.31 36.60
N ASN D 254 10.31 6.21 36.44
CA ASN D 254 10.11 5.05 37.32
C ASN D 254 10.62 5.28 38.73
N ARG D 255 11.64 6.14 38.86
CA ARG D 255 12.14 6.54 40.18
C ARG D 255 11.14 7.43 40.90
N GLN D 256 10.71 8.46 40.18
CA GLN D 256 9.96 9.57 40.75
C GLN D 256 8.47 9.32 40.88
N GLY D 257 7.91 8.54 39.97
CA GLY D 257 6.46 8.46 39.84
C GLY D 257 5.87 9.79 39.36
N LEU D 258 6.68 10.56 38.63
CA LEU D 258 6.27 11.80 37.98
C LEU D 258 6.71 11.70 36.53
N LYS D 259 6.02 12.40 35.64
CA LYS D 259 6.33 12.34 34.23
C LYS D 259 7.16 13.53 33.79
N VAL D 260 7.98 13.30 32.79
CA VAL D 260 8.68 14.35 32.10
C VAL D 260 7.89 14.62 30.82
N ALA D 261 7.61 15.90 30.57
CA ALA D 261 6.97 16.34 29.31
C ALA D 261 5.58 15.74 29.09
N CYS D 262 4.75 15.84 30.12
CA CYS D 262 3.35 15.44 30.04
C CYS D 262 2.55 16.72 29.75
N PRO D 263 2.12 16.94 28.50
CA PRO D 263 1.47 18.21 28.18
C PRO D 263 0.19 18.49 28.97
N GLU D 264 -0.57 17.45 29.27
CA GLU D 264 -1.80 17.62 30.05
C GLU D 264 -1.47 18.18 31.44
N GLU D 265 -0.43 17.64 32.07
CA GLU D 265 0.02 18.16 33.36
C GLU D 265 0.49 19.62 33.27
N ILE D 266 1.32 19.93 32.28
CA ILE D 266 1.81 21.30 32.12
C ILE D 266 0.65 22.29 31.89
N ALA D 267 -0.31 21.91 31.05
CA ALA D 267 -1.48 22.75 30.80
C ALA D 267 -2.26 23.00 32.09
N TYR D 268 -2.45 21.93 32.87
CA TYR D 268 -3.15 22.03 34.15
C TYR D 268 -2.43 22.94 35.16
N ARG D 269 -1.11 22.76 35.29
CA ARG D 269 -0.30 23.59 36.20
C ARG D 269 -0.16 25.05 35.75
N GLN D 270 -0.28 25.30 34.44
CA GLN D 270 -0.35 26.66 33.89
C GLN D 270 -1.78 27.27 33.98
N LYS D 271 -2.74 26.50 34.48
CA LYS D 271 -4.17 26.86 34.53
C LYS D 271 -4.79 27.12 33.15
N TRP D 272 -4.23 26.49 32.12
CA TRP D 272 -4.80 26.58 30.76
C TRP D 272 -5.95 25.61 30.57
N ILE D 273 -5.98 24.55 31.38
CA ILE D 273 -7.16 23.71 31.53
C ILE D 273 -7.46 23.60 33.02
N ASP D 274 -8.72 23.40 33.36
CA ASP D 274 -9.14 23.25 34.76
C ASP D 274 -9.29 21.78 35.12
N ALA D 275 -9.59 21.53 36.39
CA ALA D 275 -9.68 20.16 36.91
C ALA D 275 -10.77 19.32 36.24
N ALA D 276 -11.89 19.93 35.89
CA ALA D 276 -12.96 19.24 35.16
C ALA D 276 -12.46 18.74 33.79
N GLN D 277 -11.68 19.59 33.09
CA GLN D 277 -11.13 19.23 31.78
C GLN D 277 -10.08 18.14 31.89
N LEU D 278 -9.17 18.25 32.86
CA LEU D 278 -8.17 17.21 33.13
C LEU D 278 -8.82 15.86 33.44
N GLU D 279 -9.92 15.89 34.19
CA GLU D 279 -10.68 14.66 34.48
C GLU D 279 -11.22 14.02 33.21
N LYS D 280 -11.72 14.83 32.28
CA LYS D 280 -12.21 14.33 30.98
C LYS D 280 -11.11 13.72 30.12
N LEU D 281 -9.94 14.36 30.13
CA LEU D 281 -8.76 13.86 29.41
C LEU D 281 -8.27 12.53 29.99
N ALA D 282 -8.35 12.39 31.32
CA ALA D 282 -7.93 11.16 31.98
C ALA D 282 -8.82 9.96 31.59
N ALA D 283 -10.11 10.19 31.37
CA ALA D 283 -11.10 9.13 31.13
C ALA D 283 -10.77 8.10 30.04
N PRO D 284 -10.49 8.54 28.79
CA PRO D 284 -10.14 7.54 27.75
C PRO D 284 -8.81 6.82 27.96
N LEU D 285 -7.92 7.35 28.82
CA LEU D 285 -6.64 6.74 29.16
C LEU D 285 -6.66 5.99 30.51
N ALA D 286 -7.84 5.83 31.11
CA ALA D 286 -7.98 5.30 32.48
C ALA D 286 -7.44 3.89 32.72
N LYS D 287 -7.46 3.05 31.69
CA LYS D 287 -7.02 1.65 31.82
C LYS D 287 -5.50 1.43 31.78
N ASN D 288 -4.73 2.50 31.59
CA ASN D 288 -3.26 2.44 31.64
C ASN D 288 -2.69 3.45 32.66
N GLY D 289 -1.39 3.33 32.90
CA GLY D 289 -0.68 4.19 33.85
C GLY D 289 -0.67 5.68 33.55
N TYR D 290 -0.83 6.07 32.29
CA TYR D 290 -0.84 7.49 31.91
C TYR D 290 -2.11 8.19 32.39
N GLY D 291 -3.27 7.59 32.09
CA GLY D 291 -4.54 8.12 32.58
C GLY D 291 -4.68 8.05 34.08
N GLN D 292 -4.17 6.98 34.68
CA GLN D 292 -4.08 6.87 36.16
C GLN D 292 -3.25 8.01 36.74
N TYR D 293 -2.15 8.37 36.07
CA TYR D 293 -1.32 9.51 36.47
C TYR D 293 -2.09 10.85 36.40
N LEU D 294 -2.78 11.10 35.29
CA LEU D 294 -3.58 12.32 35.14
C LEU D 294 -4.66 12.41 36.24
N LYS D 295 -5.27 11.28 36.59
CA LYS D 295 -6.25 11.23 37.67
C LYS D 295 -5.62 11.59 39.03
N ARG D 296 -4.42 11.06 39.28
CA ARG D 296 -3.66 11.35 40.51
C ARG D 296 -3.31 12.83 40.66
N LEU D 297 -3.07 13.53 39.54
CA LEU D 297 -2.78 14.97 39.56
C LEU D 297 -3.90 15.83 40.15
N LEU D 298 -5.14 15.34 40.09
CA LEU D 298 -6.31 16.04 40.61
C LEU D 298 -6.31 16.18 42.14
N THR D 299 -5.78 15.17 42.83
CA THR D 299 -5.79 15.13 44.30
C THR D 299 -4.42 15.34 44.98
N GLU D 300 -3.33 14.94 44.32
CA GLU D 300 -2.00 14.98 44.95
C GLU D 300 -1.35 16.36 44.84
N THR D 301 -0.77 16.84 45.94
CA THR D 301 0.09 18.01 45.89
C THR D 301 1.51 17.60 45.49
N VAL D 302 1.97 18.11 44.35
CA VAL D 302 3.36 17.91 43.88
C VAL D 302 4.10 19.24 43.90
N TYR D 303 5.17 19.31 44.70
CA TYR D 303 5.93 20.55 44.88
C TYR D 303 6.91 20.76 43.75
#